data_5VAI
#
_entry.id   5VAI
#
_cell.length_a   1.0
_cell.length_b   1.0
_cell.length_c   1.0
_cell.angle_alpha   90.0
_cell.angle_beta   90.0
_cell.angle_gamma   90.0
#
_symmetry.space_group_name_H-M   'P 1'
#
loop_
_entity.id
_entity.type
_entity.pdbx_description
1 polymer 'Uncharacterized protein'
2 polymer 'Glucagon-like peptide 1'
3 polymer 'Guanine nucleotide-binding protein G(s) subunit alpha isoforms short'
4 polymer 'Guanine nucleotide-binding protein G(I)/G(S)/G(T) subunit beta-1'
5 polymer 'Guanine nucleotide-binding protein G(I)/G(S)/G(O) subunit gamma-2'
6 polymer 'nanobody 35'
#
loop_
_entity_poly.entity_id
_entity_poly.type
_entity_poly.pdbx_seq_one_letter_code
_entity_poly.pdbx_strand_id
1 'polypeptide(L)'
;MKTIIALSYIFCLVFADYKDDDDAAAGQPGNGSAFLLAPNRSHAPGGGGSLEVLFQGPGGGSRPQGATVSLSETVQKWRE
YRRQCQHFLTEAPPLATGLFCNRTFDDYACWPDGAPGSFVNVSCPWYLPWASNVLQGHVYRFCTAEGHWLPKDNSSLPWR
DLSECEESRRGEKSSPEERLLSLYIIYTVGYALSFSALVIASAILLGFRHLHCTRNYIHLNLFASFILRALSVFIKDAAL
KWMYSTAAQQHQWDGLLSYQDSLGCRLVFLLMQYCVAANYYWLLVEGAYLYTLLAFAVFSEQRIFKLYLSIGWGVPLLFV
IPWGIVKYLYEDEGCWTRNSNMNYWLIIRLPILFAIGVNFLIFIRVICIVVSKLKANLMCKTDIKCRLAKSTLTLIPLLG
THEVIFAFVMDEHARGTLRFVKLFTELSFTSFQGLMVAILYCFVNNEVQMEFRKSWERWRL
;
R
2 'polypeptide(L)' HAEGTFTSDVSSYLEGQAAKEFIAWLVKGRG P
3 'polypeptide(L)'
;MGCLGNSKTEDQRNEEKAQREANKKIEKQLQKDKQVYRATHRLLLLGAGESGKSTIVKQMRILHVNGFNGDSEKATKVQD
IKNNLKEAIETIVAAMSNLVPPVELANPENQFRVDYILSVMNVPDFDFPPEFYEHAKALWEDEGVRACYERSNEYQLIDC
AQYFLDKIDVIKQDDYVPSDQDLLRCRVLTSGIFETKFQVDKVNFHMFDVGGQRDERRKWIQCFNDVTAIIFVVASSSYN
MVIREDNQTNRLQEALNLFKSIWNNRWLRTISVILFLNKQDLLAEKVLAGKSKIEDYFPEFARYTTPEDATPEPGEDPRV
TRAKYFIRDEFLRISTASGDGRHYCYPHFTCAVDTENIRRVFNDCRDIIQRMHLRQYELL
;
A
4 'polypeptide(L)'
;MHHHHHHGSLLQSELDQLRQEAEQLKNQIRDARKACADATLSQITNNIDPVGRIQMRTRRTLRGHLAKIYAMHWGTDSRL
LVSASQDGKLIIWDSYTTNKVHAIPLRSSWVMTCAYAPSGNYVACGGLDNICSIYNLKTREGNVRVSRELAGHTGYLSCC
RFLDDNQIVTSSGDTTCALWDIETGQQTTTFTGHTGDVMSLSLAPDTRLFVSGACDASAKLWDVREGMCRQTFTGHESDI
NAICFFPNGNAFATGSDDATCRLFDLRADQELMTYSHDNIICGITSVSFSKSGRLLLAGYDDFNCNVWDALKADRAGVLA
GHDNRVSCLGVTDDGMAVATGSWDSFLKIWN
;
B
5 'polypeptide(L)' MASNNTASIAQARKLVEQLKMEANIDRIKVSKAAADLMAYCEAHAKEDPLLTPVPASENPFREKKFFC G
6 'polypeptide(L)'
;QVQLQESGGGLVQPGGSLRLSCAASGFTFSNYKMNWVRQAPGKGLEWVSDISQSGASISYTGSVKGRFTISRDNAKNTLY
LQMNSLKPEDTAVYYCARCPAPFTRDCFDVTSTTYAYRGQGTQVTVSSHHHHHHEPEA
;
N
#
# COMPACT_ATOMS: atom_id res chain seq x y z
N THR A 68 48.40 27.16 -13.12
CA THR A 68 49.30 26.36 -13.93
C THR A 68 49.00 26.57 -15.42
N VAL A 69 49.97 26.27 -16.27
CA VAL A 69 49.92 26.66 -17.68
C VAL A 69 48.96 25.77 -18.47
N SER A 70 47.98 26.40 -19.10
CA SER A 70 47.05 25.71 -19.99
C SER A 70 47.66 25.60 -21.38
N LEU A 71 47.10 24.68 -22.17
CA LEU A 71 47.51 24.55 -23.56
C LEU A 71 47.37 25.86 -24.31
N SER A 72 46.31 26.61 -24.04
CA SER A 72 45.97 27.74 -24.90
C SER A 72 47.09 28.77 -24.93
N GLU A 73 47.55 29.18 -23.76
CA GLU A 73 48.69 30.08 -23.72
C GLU A 73 49.96 29.40 -24.23
N THR A 74 50.04 28.08 -24.12
CA THR A 74 51.23 27.40 -24.59
C THR A 74 51.37 27.55 -26.09
N VAL A 75 50.28 27.30 -26.82
CA VAL A 75 50.29 27.44 -28.26
C VAL A 75 50.40 28.90 -28.66
N GLN A 76 49.58 29.76 -28.03
CA GLN A 76 49.62 31.19 -28.32
C GLN A 76 51.02 31.75 -28.15
N LYS A 77 51.60 31.55 -26.97
CA LYS A 77 52.93 32.06 -26.71
C LYS A 77 53.93 31.45 -27.67
N TRP A 78 53.87 30.14 -27.90
CA TRP A 78 54.81 29.52 -28.82
C TRP A 78 54.75 30.18 -30.19
N ARG A 79 53.55 30.32 -30.75
CA ARG A 79 53.37 31.01 -32.02
C ARG A 79 53.98 32.39 -31.98
N GLU A 80 53.85 33.08 -30.85
CA GLU A 80 54.41 34.42 -30.74
C GLU A 80 55.94 34.39 -30.81
N TYR A 81 56.56 33.51 -30.01
CA TYR A 81 57.99 33.27 -30.07
C TYR A 81 58.43 32.98 -31.50
N ARG A 82 57.70 32.09 -32.18
CA ARG A 82 57.97 31.79 -33.59
C ARG A 82 57.88 33.03 -34.45
N ARG A 83 56.89 33.88 -34.19
CA ARG A 83 56.78 35.13 -34.92
C ARG A 83 58.02 36.00 -34.72
N GLN A 84 58.39 36.21 -33.46
CA GLN A 84 59.57 37.02 -33.18
C GLN A 84 60.76 36.48 -33.96
N CYS A 85 60.90 35.16 -33.97
CA CYS A 85 61.98 34.57 -34.74
C CYS A 85 61.81 34.88 -36.22
N GLN A 86 60.57 34.85 -36.69
CA GLN A 86 60.28 35.23 -38.07
C GLN A 86 60.88 36.59 -38.41
N HIS A 87 60.68 37.60 -37.55
CA HIS A 87 61.27 38.88 -37.92
C HIS A 87 62.79 38.82 -37.80
N PHE A 88 63.33 38.10 -36.83
CA PHE A 88 64.79 38.05 -36.75
C PHE A 88 65.38 37.41 -38.02
N LEU A 89 64.93 36.21 -38.35
CA LEU A 89 65.49 35.47 -39.48
C LEU A 89 65.31 36.23 -40.79
N THR A 90 64.12 36.79 -41.00
CA THR A 90 63.90 37.51 -42.26
C THR A 90 64.63 38.84 -42.26
N GLU A 91 64.64 39.52 -41.12
CA GLU A 91 64.99 40.92 -41.00
C GLU A 91 66.40 41.16 -40.45
N ALA A 92 67.02 40.18 -39.79
CA ALA A 92 68.39 40.35 -39.35
C ALA A 92 69.30 40.52 -40.56
N PRO A 93 70.39 41.28 -40.42
CA PRO A 93 71.13 41.70 -41.60
C PRO A 93 71.64 40.50 -42.37
N PRO A 94 71.72 40.60 -43.70
CA PRO A 94 72.35 39.53 -44.47
C PRO A 94 73.84 39.51 -44.19
N LEU A 95 74.43 38.33 -44.32
CA LEU A 95 75.83 38.19 -43.96
C LEU A 95 76.73 38.84 -45.01
N ALA A 96 77.89 39.32 -44.56
CA ALA A 96 78.90 39.79 -45.50
C ALA A 96 79.33 38.67 -46.43
N THR A 97 79.53 37.48 -45.87
CA THR A 97 79.78 36.27 -46.64
C THR A 97 79.05 35.12 -45.98
N GLY A 98 78.75 34.10 -46.76
CA GLY A 98 78.06 32.93 -46.24
C GLY A 98 78.87 32.05 -45.34
N LEU A 99 80.15 32.37 -45.11
CA LEU A 99 80.96 31.56 -44.20
C LEU A 99 80.44 31.61 -42.77
N PHE A 100 79.60 32.58 -42.44
CA PHE A 100 78.88 32.54 -41.18
C PHE A 100 77.80 31.47 -41.26
N CYS A 101 77.57 30.75 -40.15
CA CYS A 101 76.40 29.89 -40.10
C CYS A 101 75.15 30.75 -40.18
N ASN A 102 74.15 30.24 -40.90
CA ASN A 102 72.94 31.00 -41.12
C ASN A 102 72.07 30.89 -39.89
N ARG A 103 71.55 32.02 -39.43
CA ARG A 103 70.45 32.07 -38.47
C ARG A 103 69.42 30.99 -38.78
N THR A 104 68.71 30.50 -37.77
CA THR A 104 67.75 29.43 -37.99
C THR A 104 66.74 29.39 -36.85
N PHE A 105 65.51 29.05 -37.20
CA PHE A 105 64.48 28.73 -36.23
C PHE A 105 64.34 27.22 -36.15
N ASP A 106 64.50 26.68 -34.95
CA ASP A 106 64.37 25.25 -34.75
C ASP A 106 62.94 24.87 -34.45
N ASP A 107 62.06 25.87 -34.45
CA ASP A 107 60.63 25.88 -34.19
C ASP A 107 60.46 25.90 -32.68
N TYR A 108 61.57 25.77 -31.95
CA TYR A 108 61.62 25.86 -30.50
C TYR A 108 62.49 27.00 -30.02
N ALA A 109 63.42 27.46 -30.84
CA ALA A 109 64.30 28.54 -30.46
C ALA A 109 64.77 29.23 -31.73
N CYS A 110 65.25 30.44 -31.55
CA CYS A 110 65.73 31.25 -32.65
C CYS A 110 67.24 31.25 -32.64
N TRP A 111 67.82 30.70 -33.65
CA TRP A 111 69.26 30.78 -33.61
C TRP A 111 69.68 31.97 -34.45
N PRO A 112 70.42 32.90 -33.90
CA PRO A 112 70.92 34.02 -34.70
C PRO A 112 72.02 33.56 -35.65
N ASP A 113 72.55 34.47 -36.47
CA ASP A 113 73.71 34.11 -37.27
C ASP A 113 74.82 33.63 -36.36
N GLY A 114 75.65 32.74 -36.88
CA GLY A 114 76.76 32.18 -36.11
C GLY A 114 78.08 32.32 -36.83
N ALA A 115 79.09 32.73 -36.07
CA ALA A 115 80.44 32.73 -36.59
C ALA A 115 80.93 31.30 -36.75
N PRO A 116 81.60 30.99 -37.86
CA PRO A 116 82.16 29.64 -38.03
C PRO A 116 83.16 29.29 -36.94
N GLY A 117 83.06 28.05 -36.45
CA GLY A 117 83.94 27.55 -35.41
C GLY A 117 83.73 28.16 -34.04
N SER A 118 82.48 28.51 -33.72
CA SER A 118 82.15 29.09 -32.43
C SER A 118 80.89 28.45 -31.90
N PHE A 119 80.68 28.61 -30.60
CA PHE A 119 79.45 28.18 -29.96
C PHE A 119 78.35 29.19 -30.23
N VAL A 120 77.15 28.68 -30.47
CA VAL A 120 75.96 29.49 -30.68
C VAL A 120 75.02 29.23 -29.51
N ASN A 121 74.48 30.30 -28.95
CA ASN A 121 73.61 30.21 -27.79
C ASN A 121 72.27 30.85 -28.10
N VAL A 122 71.21 30.27 -27.55
CA VAL A 122 69.90 30.91 -27.50
C VAL A 122 69.33 30.61 -26.13
N SER A 123 68.64 31.58 -25.54
CA SER A 123 67.98 31.33 -24.27
C SER A 123 66.91 30.25 -24.42
N CYS A 124 66.72 29.50 -23.34
CA CYS A 124 65.56 28.63 -23.22
C CYS A 124 64.29 29.41 -23.53
N PRO A 125 63.36 28.86 -24.31
CA PRO A 125 62.14 29.60 -24.66
C PRO A 125 61.39 30.07 -23.42
N TRP A 126 61.10 31.38 -23.39
CA TRP A 126 60.54 32.02 -22.21
C TRP A 126 59.10 31.63 -21.91
N TYR A 127 58.41 30.94 -22.82
CA TYR A 127 57.02 30.57 -22.57
C TYR A 127 56.86 29.28 -21.77
N LEU A 128 57.95 28.58 -21.47
CA LEU A 128 57.84 27.34 -20.74
C LEU A 128 57.20 27.56 -19.37
N PRO A 129 56.36 26.65 -18.90
CA PRO A 129 55.77 26.78 -17.56
C PRO A 129 56.79 27.04 -16.47
N TRP A 130 58.01 26.55 -16.62
CA TRP A 130 59.04 26.74 -15.62
C TRP A 130 60.05 27.79 -16.04
N ALA A 131 59.74 28.60 -17.05
CA ALA A 131 60.72 29.54 -17.56
C ALA A 131 61.28 30.42 -16.45
N SER A 132 60.44 30.78 -15.47
CA SER A 132 60.94 31.56 -14.36
C SER A 132 61.93 30.76 -13.53
N ASN A 133 61.83 29.44 -13.55
CA ASN A 133 62.82 28.62 -12.88
C ASN A 133 64.06 28.44 -13.73
N VAL A 134 63.94 28.65 -15.04
CA VAL A 134 65.08 28.49 -15.94
C VAL A 134 65.23 29.79 -16.70
N LEU A 135 65.07 30.92 -16.00
CA LEU A 135 65.19 32.21 -16.64
C LEU A 135 66.62 32.48 -17.07
N GLN A 136 67.59 31.78 -16.49
CA GLN A 136 68.99 32.00 -16.77
C GLN A 136 69.61 30.84 -17.52
N GLY A 137 68.79 29.94 -18.04
CA GLY A 137 69.30 28.85 -18.85
C GLY A 137 69.51 29.25 -20.30
N HIS A 138 70.43 28.54 -20.95
CA HIS A 138 70.63 28.68 -22.39
C HIS A 138 70.94 27.33 -23.00
N VAL A 139 70.48 27.17 -24.23
CA VAL A 139 70.77 25.99 -25.05
C VAL A 139 71.71 26.42 -26.14
N TYR A 140 72.54 25.48 -26.60
CA TYR A 140 73.58 25.80 -27.56
C TYR A 140 73.54 24.88 -28.77
N ARG A 141 73.98 25.44 -29.90
CA ARG A 141 74.35 24.74 -31.11
C ARG A 141 75.83 24.99 -31.33
N PHE A 142 76.46 24.21 -32.21
CA PHE A 142 77.87 24.40 -32.53
C PHE A 142 78.04 24.72 -34.00
N CYS A 143 78.59 25.89 -34.29
CA CYS A 143 78.92 26.30 -35.65
C CYS A 143 80.36 25.92 -35.97
N THR A 144 80.54 24.93 -36.84
CA THR A 144 81.90 24.56 -37.20
C THR A 144 82.57 25.64 -38.03
N ALA A 145 83.89 25.56 -38.13
CA ALA A 145 84.67 26.59 -38.82
C ALA A 145 84.37 26.66 -40.30
N GLU A 146 83.70 25.66 -40.87
CA GLU A 146 83.35 25.64 -42.28
C GLU A 146 82.00 26.30 -42.56
N GLY A 147 81.41 26.96 -41.57
CA GLY A 147 80.12 27.59 -41.76
C GLY A 147 78.97 26.61 -41.79
N HIS A 148 79.18 25.41 -41.27
CA HIS A 148 78.14 24.43 -41.05
C HIS A 148 77.91 24.28 -39.55
N TRP A 149 76.65 24.09 -39.16
CA TRP A 149 76.38 23.71 -37.78
C TRP A 149 76.96 22.33 -37.54
N LEU A 150 77.66 22.16 -36.41
CA LEU A 150 78.22 20.87 -36.06
C LEU A 150 77.16 19.80 -36.09
N PRO A 151 77.46 18.69 -36.76
CA PRO A 151 76.49 17.66 -37.03
C PRO A 151 76.70 16.48 -36.10
N LYS A 152 75.60 15.85 -35.71
CA LYS A 152 75.67 14.62 -34.94
C LYS A 152 75.85 13.47 -35.90
N ASP A 153 76.70 12.52 -35.54
CA ASP A 153 76.86 11.38 -36.42
C ASP A 153 75.58 10.58 -36.38
N ASN A 154 75.06 10.22 -37.53
CA ASN A 154 73.84 9.45 -37.66
C ASN A 154 72.59 10.31 -37.51
N SER A 155 72.72 11.63 -37.36
CA SER A 155 71.55 12.49 -37.20
C SER A 155 71.81 13.82 -37.88
N SER A 156 70.72 14.48 -38.27
CA SER A 156 70.82 15.78 -38.92
C SER A 156 70.72 16.94 -37.95
N LEU A 157 70.30 16.69 -36.71
CA LEU A 157 70.18 17.79 -35.78
C LEU A 157 71.58 18.18 -35.32
N PRO A 158 71.80 19.43 -34.97
CA PRO A 158 73.14 19.81 -34.55
C PRO A 158 73.45 19.19 -33.20
N TRP A 159 74.74 18.93 -32.99
CA TRP A 159 75.20 18.59 -31.65
C TRP A 159 74.76 19.71 -30.73
N ARG A 160 73.97 19.37 -29.70
CA ARG A 160 73.37 20.40 -28.88
C ARG A 160 73.36 20.03 -27.41
N ASP A 161 73.30 21.07 -26.59
CA ASP A 161 73.07 20.99 -25.16
C ASP A 161 71.72 21.62 -24.88
N LEU A 162 70.71 20.80 -24.63
CA LEU A 162 69.43 21.28 -24.13
C LEU A 162 69.24 20.93 -22.67
N SER A 163 70.30 20.44 -22.02
CA SER A 163 70.19 20.01 -20.65
C SER A 163 69.88 21.20 -19.75
N GLU A 164 70.37 22.38 -20.13
CA GLU A 164 70.06 23.57 -19.36
C GLU A 164 68.60 23.95 -19.45
N CYS A 165 67.86 23.40 -20.40
CA CYS A 165 66.44 23.72 -20.55
C CYS A 165 65.55 22.55 -20.17
N GLU A 166 66.13 21.45 -19.71
CA GLU A 166 65.34 20.35 -19.19
C GLU A 166 64.70 20.73 -17.86
N GLU A 167 63.57 20.11 -17.56
CA GLU A 167 62.91 20.34 -16.28
C GLU A 167 63.67 19.69 -15.14
N SER A 174 57.26 12.11 -8.22
CA SER A 174 56.37 12.60 -7.16
C SER A 174 54.93 12.35 -7.55
N SER A 175 54.06 13.21 -7.01
CA SER A 175 52.64 13.19 -7.35
C SER A 175 52.03 11.80 -7.18
N PRO A 176 52.13 11.20 -6.00
CA PRO A 176 51.47 9.90 -5.78
C PRO A 176 49.98 9.96 -6.03
N GLU A 177 49.44 11.19 -6.06
CA GLU A 177 48.04 11.45 -6.33
C GLU A 177 47.54 10.68 -7.53
N GLU A 178 48.44 10.37 -8.48
CA GLU A 178 48.04 9.67 -9.68
C GLU A 178 47.34 8.35 -9.38
N ARG A 179 47.80 7.59 -8.38
CA ARG A 179 47.08 6.36 -8.06
C ARG A 179 45.65 6.65 -7.66
N LEU A 180 45.45 7.69 -6.86
CA LEU A 180 44.11 8.21 -6.64
C LEU A 180 43.53 8.82 -7.90
N LEU A 181 44.35 9.61 -8.61
CA LEU A 181 43.91 10.27 -9.83
C LEU A 181 43.76 9.35 -11.04
N SER A 182 44.79 8.58 -11.37
CA SER A 182 44.71 7.76 -12.58
C SER A 182 43.74 6.60 -12.43
N LEU A 183 43.85 5.83 -11.34
CA LEU A 183 42.98 4.69 -11.14
C LEU A 183 41.51 5.01 -10.87
N TYR A 184 41.19 6.22 -10.40
CA TYR A 184 39.79 6.47 -10.10
C TYR A 184 38.90 6.32 -11.31
N ILE A 185 39.37 6.80 -12.47
CA ILE A 185 38.55 6.66 -13.66
C ILE A 185 38.34 5.18 -13.97
N ILE A 186 39.40 4.39 -13.87
CA ILE A 186 39.25 2.96 -14.08
C ILE A 186 38.36 2.43 -12.98
N TYR A 187 38.55 2.94 -11.76
CA TYR A 187 37.72 2.55 -10.63
C TYR A 187 36.28 2.94 -10.91
N THR A 188 36.08 4.16 -11.44
CA THR A 188 34.76 4.65 -11.82
C THR A 188 34.12 3.75 -12.87
N VAL A 189 34.92 2.94 -13.57
CA VAL A 189 34.34 1.96 -14.48
C VAL A 189 33.36 1.08 -13.72
N GLY A 190 33.72 0.66 -12.50
CA GLY A 190 32.76 -0.04 -11.66
C GLY A 190 31.55 0.81 -11.35
N TYR A 191 31.76 2.12 -11.26
CA TYR A 191 30.65 3.05 -11.07
C TYR A 191 29.67 3.01 -12.22
N ALA A 192 30.13 2.67 -13.43
CA ALA A 192 29.21 2.52 -14.55
C ALA A 192 28.20 1.43 -14.26
N LEU A 193 28.63 0.39 -13.56
CA LEU A 193 27.73 -0.68 -13.13
C LEU A 193 26.50 -0.09 -12.45
N SER A 194 26.69 0.98 -11.67
CA SER A 194 25.57 1.57 -10.94
C SER A 194 24.46 1.96 -11.89
N PHE A 195 24.83 2.56 -13.01
CA PHE A 195 23.83 3.03 -13.94
C PHE A 195 22.96 1.89 -14.39
N SER A 196 23.57 0.75 -14.70
CA SER A 196 22.80 -0.35 -15.23
C SER A 196 21.73 -0.75 -14.23
N ALA A 197 22.13 -0.97 -12.98
CA ALA A 197 21.16 -1.43 -12.01
C ALA A 197 20.10 -0.36 -11.81
N LEU A 198 20.53 0.90 -11.75
CA LEU A 198 19.56 1.96 -11.54
C LEU A 198 18.54 1.94 -12.65
N VAL A 199 19.00 1.76 -13.89
CA VAL A 199 18.06 1.75 -15.00
C VAL A 199 17.06 0.63 -14.79
N ILE A 200 17.56 -0.56 -14.47
CA ILE A 200 16.64 -1.67 -14.33
C ILE A 200 15.77 -1.45 -13.11
N ALA A 201 16.32 -0.82 -12.07
CA ALA A 201 15.50 -0.51 -10.92
C ALA A 201 14.32 0.36 -11.34
N SER A 202 14.60 1.38 -12.14
CA SER A 202 13.51 2.23 -12.61
C SER A 202 12.54 1.41 -13.44
N ALA A 203 13.07 0.50 -14.26
CA ALA A 203 12.20 -0.37 -15.05
C ALA A 203 11.30 -1.19 -14.15
N ILE A 204 11.84 -1.67 -13.03
CA ILE A 204 10.98 -2.38 -12.08
C ILE A 204 9.93 -1.45 -11.54
N LEU A 205 10.34 -0.23 -11.19
CA LEU A 205 9.42 0.72 -10.59
C LEU A 205 8.26 1.06 -11.52
N LEU A 206 8.58 1.46 -12.74
CA LEU A 206 7.53 1.68 -13.72
C LEU A 206 6.85 0.36 -14.09
N GLY A 207 7.56 -0.76 -13.93
CA GLY A 207 7.23 -1.97 -14.67
C GLY A 207 5.81 -2.46 -14.53
N PHE A 208 5.32 -2.58 -13.30
CA PHE A 208 3.97 -3.11 -13.12
C PHE A 208 2.91 -2.12 -12.67
N ARG A 209 3.23 -0.83 -12.50
CA ARG A 209 2.27 0.27 -12.47
C ARG A 209 1.52 0.40 -11.14
N HIS A 210 1.61 -0.57 -10.24
CA HIS A 210 0.96 -0.42 -8.94
C HIS A 210 1.80 0.33 -7.95
N LEU A 211 3.00 0.74 -8.33
CA LEU A 211 3.83 1.46 -7.38
C LEU A 211 3.74 2.95 -7.53
N HIS A 212 3.03 3.43 -8.54
CA HIS A 212 2.96 4.86 -8.73
C HIS A 212 2.29 5.50 -7.53
N CYS A 213 3.01 6.42 -6.93
CA CYS A 213 2.61 7.15 -5.73
C CYS A 213 3.61 8.29 -5.64
N THR A 214 3.35 9.20 -4.71
CA THR A 214 4.28 10.30 -4.54
C THR A 214 5.65 9.80 -4.15
N ARG A 215 5.68 8.81 -3.26
CA ARG A 215 6.95 8.27 -2.80
C ARG A 215 7.77 7.67 -3.93
N ASN A 216 7.13 6.97 -4.84
CA ASN A 216 7.92 6.33 -5.87
C ASN A 216 8.15 7.21 -7.07
N TYR A 217 7.21 8.08 -7.40
CA TYR A 217 7.54 9.00 -8.48
C TYR A 217 8.74 9.84 -8.07
N ILE A 218 8.74 10.32 -6.82
CA ILE A 218 9.87 11.10 -6.34
C ILE A 218 11.15 10.30 -6.42
N HIS A 219 11.20 9.15 -5.72
CA HIS A 219 12.44 8.40 -5.67
C HIS A 219 12.94 8.10 -7.08
N LEU A 220 12.00 7.81 -7.99
CA LEU A 220 12.37 7.61 -9.39
C LEU A 220 13.06 8.83 -9.98
N ASN A 221 12.57 10.03 -9.69
CA ASN A 221 13.26 11.17 -10.27
C ASN A 221 14.60 11.44 -9.61
N LEU A 222 14.75 11.10 -8.32
CA LEU A 222 16.10 11.06 -7.77
C LEU A 222 16.97 10.12 -8.58
N PHE A 223 16.44 8.93 -8.85
CA PHE A 223 17.15 7.94 -9.66
C PHE A 223 17.56 8.57 -10.97
N ALA A 224 16.67 9.37 -11.55
CA ALA A 224 17.01 10.11 -12.74
C ALA A 224 18.18 11.05 -12.48
N SER A 225 18.26 11.62 -11.28
CA SER A 225 19.37 12.55 -11.02
C SER A 225 20.69 11.82 -10.87
N PHE A 226 20.67 10.59 -10.33
CA PHE A 226 21.87 9.79 -10.34
C PHE A 226 22.18 9.33 -11.75
N ILE A 227 21.15 9.17 -12.56
CA ILE A 227 21.35 8.84 -13.97
C ILE A 227 22.04 9.99 -14.66
N LEU A 228 21.55 11.19 -14.45
CA LEU A 228 22.10 12.35 -15.13
C LEU A 228 23.52 12.64 -14.67
N ARG A 229 23.81 12.46 -13.37
CA ARG A 229 25.22 12.50 -12.96
C ARG A 229 26.02 11.39 -13.61
N ALA A 230 25.45 10.20 -13.72
CA ALA A 230 26.18 9.09 -14.33
C ALA A 230 26.57 9.46 -15.75
N LEU A 231 25.59 9.89 -16.52
CA LEU A 231 25.81 10.27 -17.92
C LEU A 231 26.76 11.45 -17.99
N SER A 232 26.64 12.39 -17.08
CA SER A 232 27.55 13.53 -17.07
C SER A 232 28.97 13.09 -16.83
N VAL A 233 29.19 12.19 -15.88
CA VAL A 233 30.54 11.71 -15.63
C VAL A 233 31.06 10.93 -16.84
N PHE A 234 30.21 10.08 -17.45
CA PHE A 234 30.66 9.33 -18.61
C PHE A 234 31.01 10.24 -19.78
N ILE A 235 30.15 11.23 -20.03
CA ILE A 235 30.39 12.21 -21.09
C ILE A 235 31.61 13.03 -20.74
N LYS A 236 31.74 13.36 -19.47
CA LYS A 236 32.83 14.15 -18.96
C LYS A 236 34.14 13.43 -19.19
N ASP A 237 34.13 12.11 -19.02
CA ASP A 237 35.33 11.32 -19.19
C ASP A 237 35.66 11.22 -20.67
N ALA A 238 34.65 11.09 -21.51
CA ALA A 238 34.91 11.18 -22.94
C ALA A 238 35.49 12.54 -23.28
N ALA A 239 35.00 13.59 -22.64
CA ALA A 239 35.46 14.95 -22.93
C ALA A 239 36.94 15.11 -22.64
N LEU A 240 37.39 14.66 -21.47
CA LEU A 240 38.82 14.79 -21.20
C LEU A 240 39.63 13.82 -22.05
N LYS A 241 39.13 12.59 -22.22
CA LYS A 241 39.89 11.59 -22.95
C LYS A 241 40.13 12.04 -24.38
N TRP A 242 39.12 12.63 -25.02
CA TRP A 242 39.34 13.19 -26.35
C TRP A 242 40.55 14.10 -26.38
N MET A 243 40.71 14.91 -25.32
CA MET A 243 41.88 15.77 -25.23
C MET A 243 43.15 14.94 -25.10
N TYR A 244 43.11 13.87 -24.32
CA TYR A 244 44.31 13.07 -24.17
C TYR A 244 44.65 12.32 -25.47
N SER A 245 43.74 11.49 -25.96
CA SER A 245 44.04 10.67 -27.12
C SER A 245 44.38 11.54 -28.31
N THR A 246 43.71 12.69 -28.46
CA THR A 246 44.14 13.59 -29.52
C THR A 246 45.57 14.04 -29.26
N ALA A 247 45.91 14.34 -28.01
CA ALA A 247 47.28 14.74 -27.72
C ALA A 247 48.26 13.67 -28.17
N ALA A 248 47.89 12.39 -27.99
CA ALA A 248 48.71 11.32 -28.53
C ALA A 248 48.78 11.39 -30.04
N GLN A 249 47.63 11.51 -30.72
CA GLN A 249 47.62 11.56 -32.17
C GLN A 249 48.07 12.92 -32.69
N GLN A 250 47.33 13.98 -32.35
CA GLN A 250 47.67 15.34 -32.72
C GLN A 250 46.86 16.29 -31.86
N HIS A 251 47.49 17.37 -31.45
CA HIS A 251 46.85 18.41 -30.67
C HIS A 251 46.78 19.76 -31.37
N GLN A 252 47.22 19.86 -32.63
CA GLN A 252 47.17 21.16 -33.28
C GLN A 252 45.75 21.67 -33.35
N TRP A 253 44.80 20.76 -33.51
CA TRP A 253 43.41 21.13 -33.59
C TRP A 253 42.77 21.12 -32.21
N ASP A 254 43.32 20.33 -31.29
CA ASP A 254 42.79 20.26 -29.93
C ASP A 254 42.69 21.64 -29.30
N GLY A 255 43.61 22.54 -29.63
CA GLY A 255 43.45 23.90 -29.17
C GLY A 255 42.23 24.57 -29.81
N LEU A 256 42.12 24.47 -31.14
CA LEU A 256 40.94 24.97 -31.83
C LEU A 256 39.71 24.16 -31.47
N LEU A 257 39.80 22.83 -31.63
CA LEU A 257 38.74 21.94 -31.18
C LEU A 257 38.32 22.29 -29.77
N SER A 258 39.27 22.74 -28.95
CA SER A 258 38.97 23.24 -27.63
C SER A 258 38.29 24.60 -27.67
N TYR A 259 38.48 25.38 -28.73
CA TYR A 259 37.69 26.60 -28.84
C TYR A 259 36.24 26.27 -29.15
N GLN A 260 36.01 25.30 -30.03
CA GLN A 260 34.65 24.82 -30.19
C GLN A 260 34.17 24.18 -28.90
N ASP A 261 35.09 23.55 -28.17
CA ASP A 261 34.80 23.09 -26.82
C ASP A 261 34.49 24.26 -25.91
N SER A 262 35.11 25.42 -26.17
CA SER A 262 34.81 26.61 -25.38
C SER A 262 33.36 27.03 -25.54
N LEU A 263 32.67 26.45 -26.51
CA LEU A 263 31.21 26.40 -26.57
C LEU A 263 30.67 25.01 -26.28
N GLY A 264 31.29 23.99 -26.87
CA GLY A 264 30.94 22.60 -26.65
C GLY A 264 31.26 22.07 -25.25
N CYS A 265 32.55 21.96 -24.92
CA CYS A 265 32.89 21.43 -23.60
C CYS A 265 32.31 22.35 -22.55
N ARG A 266 32.12 23.63 -22.89
CA ARG A 266 31.41 24.51 -21.97
C ARG A 266 30.02 23.97 -21.70
N LEU A 267 29.34 23.48 -22.72
CA LEU A 267 28.05 22.85 -22.51
C LEU A 267 28.18 21.62 -21.64
N VAL A 268 29.20 20.81 -21.89
CA VAL A 268 29.36 19.56 -21.15
C VAL A 268 29.56 19.85 -19.66
N PHE A 269 30.52 20.71 -19.34
CA PHE A 269 30.81 21.00 -17.94
C PHE A 269 29.66 21.71 -17.27
N LEU A 270 29.07 22.70 -17.93
CA LEU A 270 27.92 23.34 -17.31
C LEU A 270 26.85 22.31 -17.00
N LEU A 271 26.67 21.34 -17.89
CA LEU A 271 25.79 20.23 -17.58
C LEU A 271 26.29 19.50 -16.35
N MET A 272 27.62 19.38 -16.21
CA MET A 272 28.19 18.67 -15.08
C MET A 272 27.77 19.32 -13.78
N GLN A 273 27.85 20.65 -13.74
CA GLN A 273 27.34 21.39 -12.60
C GLN A 273 25.87 21.08 -12.41
N TYR A 274 25.14 21.01 -13.52
CA TYR A 274 23.70 20.80 -13.42
C TYR A 274 23.40 19.43 -12.83
N CYS A 275 24.23 18.43 -13.15
CA CYS A 275 23.99 17.09 -12.66
C CYS A 275 24.32 16.97 -11.19
N VAL A 276 25.47 17.48 -10.76
CA VAL A 276 25.80 17.33 -9.36
C VAL A 276 24.83 18.11 -8.50
N ALA A 277 24.54 19.34 -8.90
CA ALA A 277 23.50 20.11 -8.21
C ALA A 277 22.18 19.38 -8.28
N ALA A 278 21.94 18.68 -9.38
CA ALA A 278 20.68 17.97 -9.53
C ALA A 278 20.54 16.91 -8.47
N ASN A 279 21.53 16.04 -8.37
CA ASN A 279 21.49 14.94 -7.42
C ASN A 279 21.39 15.43 -5.98
N TYR A 280 22.12 16.49 -5.66
CA TYR A 280 22.04 16.93 -4.27
C TYR A 280 20.72 17.60 -4.00
N TYR A 281 20.26 18.41 -4.95
CA TYR A 281 18.99 19.10 -4.75
C TYR A 281 17.84 18.12 -4.70
N TRP A 282 17.91 17.01 -5.44
CA TRP A 282 16.94 15.95 -5.23
C TRP A 282 17.03 15.39 -3.82
N LEU A 283 18.24 15.31 -3.27
CA LEU A 283 18.30 14.97 -1.85
C LEU A 283 17.53 15.99 -1.03
N LEU A 284 17.58 17.26 -1.43
CA LEU A 284 16.78 18.26 -0.75
C LEU A 284 15.31 17.89 -0.81
N VAL A 285 14.84 17.54 -2.01
CA VAL A 285 13.42 17.29 -2.19
C VAL A 285 13.00 16.12 -1.32
N GLU A 286 13.78 15.05 -1.29
CA GLU A 286 13.38 13.90 -0.49
C GLU A 286 13.39 14.24 0.99
N GLY A 287 14.40 14.98 1.45
CA GLY A 287 14.39 15.40 2.84
C GLY A 287 13.13 16.18 3.16
N ALA A 288 12.74 17.09 2.26
CA ALA A 288 11.48 17.80 2.43
C ALA A 288 10.32 16.82 2.44
N TYR A 289 10.41 15.76 1.65
CA TYR A 289 9.35 14.77 1.62
C TYR A 289 9.15 14.17 2.99
N LEU A 290 10.22 13.71 3.62
CA LEU A 290 10.07 13.10 4.93
C LEU A 290 9.71 14.10 6.01
N TYR A 291 10.39 15.24 6.05
CA TYR A 291 10.12 16.23 7.09
C TYR A 291 8.73 16.82 6.95
N THR A 292 8.36 17.14 5.72
CA THR A 292 7.02 17.64 5.45
C THR A 292 6.00 16.57 5.77
N LEU A 293 6.35 15.32 5.46
CA LEU A 293 5.43 14.22 5.66
C LEU A 293 5.13 14.05 7.14
N LEU A 294 6.17 14.03 7.96
CA LEU A 294 6.01 13.81 9.39
C LEU A 294 5.35 15.00 10.06
N ALA A 295 5.82 16.20 9.74
CA ALA A 295 5.45 17.39 10.51
C ALA A 295 3.95 17.67 10.39
N PHE A 296 3.45 17.77 9.17
CA PHE A 296 2.06 18.11 8.94
C PHE A 296 1.62 17.53 7.60
N ALA A 297 0.32 17.59 7.34
CA ALA A 297 -0.22 16.96 6.14
C ALA A 297 0.29 17.60 4.86
N VAL A 298 0.49 16.75 3.85
CA VAL A 298 0.89 17.19 2.52
C VAL A 298 -0.31 17.80 1.82
N PHE A 299 -0.13 19.00 1.29
CA PHE A 299 -1.23 19.81 0.81
C PHE A 299 -1.14 19.94 -0.69
N SER A 300 -2.26 19.68 -1.38
CA SER A 300 -2.33 19.77 -2.84
C SER A 300 -1.19 18.99 -3.46
N GLU A 301 -1.21 17.67 -3.21
CA GLU A 301 -0.08 16.82 -3.58
C GLU A 301 0.24 16.88 -5.07
N GLN A 302 -0.75 16.81 -5.96
CA GLN A 302 -0.38 16.95 -7.36
C GLN A 302 0.10 18.36 -7.69
N ARG A 303 -0.68 19.39 -7.31
CA ARG A 303 -0.29 20.76 -7.62
C ARG A 303 0.97 21.16 -6.86
N ILE A 304 1.05 20.86 -5.57
CA ILE A 304 2.22 21.17 -4.79
C ILE A 304 3.40 20.37 -5.30
N PHE A 305 3.12 19.14 -5.74
CA PHE A 305 4.16 18.25 -6.23
C PHE A 305 4.81 18.82 -7.47
N LYS A 306 4.03 19.48 -8.34
CA LYS A 306 4.67 19.95 -9.55
C LYS A 306 5.70 21.01 -9.16
N LEU A 307 5.36 21.81 -8.16
CA LEU A 307 6.30 22.76 -7.59
C LEU A 307 7.50 22.04 -6.96
N TYR A 308 7.28 20.90 -6.33
CA TYR A 308 8.41 20.15 -5.77
C TYR A 308 9.37 19.73 -6.87
N LEU A 309 8.83 19.19 -7.95
CA LEU A 309 9.68 18.82 -9.07
C LEU A 309 10.37 20.07 -9.60
N SER A 310 9.65 21.19 -9.60
CA SER A 310 10.17 22.45 -10.10
C SER A 310 11.29 23.00 -9.24
N ILE A 311 11.29 22.74 -7.93
CA ILE A 311 12.46 23.10 -7.13
C ILE A 311 13.59 22.11 -7.39
N GLY A 312 13.26 20.83 -7.52
CA GLY A 312 14.30 19.83 -7.67
C GLY A 312 15.14 20.02 -8.92
N TRP A 313 14.49 20.10 -10.08
CA TRP A 313 15.24 20.48 -11.27
C TRP A 313 15.39 21.99 -11.36
N GLY A 314 14.35 22.71 -10.97
CA GLY A 314 14.30 24.15 -11.21
C GLY A 314 15.43 24.93 -10.56
N VAL A 315 15.75 24.62 -9.31
CA VAL A 315 16.83 25.34 -8.62
C VAL A 315 18.16 25.15 -9.33
N PRO A 316 18.52 23.96 -9.82
CA PRO A 316 19.81 23.86 -10.53
C PRO A 316 19.92 24.72 -11.78
N LEU A 317 18.93 24.79 -12.67
CA LEU A 317 19.12 25.72 -13.79
C LEU A 317 19.03 27.17 -13.34
N LEU A 318 17.98 27.50 -12.57
CA LEU A 318 17.74 28.91 -12.24
C LEU A 318 18.89 29.46 -11.42
N PHE A 319 19.41 28.66 -10.51
CA PHE A 319 20.60 29.03 -9.74
C PHE A 319 21.90 28.87 -10.52
N VAL A 320 22.13 27.68 -11.07
CA VAL A 320 23.45 27.35 -11.60
C VAL A 320 23.75 28.14 -12.86
N ILE A 321 22.77 28.27 -13.74
CA ILE A 321 23.03 28.89 -15.05
C ILE A 321 23.58 30.30 -14.89
N PRO A 322 23.08 31.14 -13.97
CA PRO A 322 23.77 32.43 -13.80
C PRO A 322 25.19 32.24 -13.36
N TRP A 323 25.45 31.32 -12.44
CA TRP A 323 26.81 31.12 -11.97
C TRP A 323 27.69 30.58 -13.09
N GLY A 324 27.20 29.57 -13.81
CA GLY A 324 28.01 28.97 -14.84
C GLY A 324 28.28 29.88 -16.02
N ILE A 325 27.25 30.53 -16.54
CA ILE A 325 27.48 31.41 -17.67
C ILE A 325 28.31 32.62 -17.24
N VAL A 326 28.04 33.16 -16.04
CA VAL A 326 28.78 34.34 -15.60
C VAL A 326 30.23 33.98 -15.37
N LYS A 327 30.48 32.82 -14.78
CA LYS A 327 31.86 32.39 -14.58
C LYS A 327 32.55 32.18 -15.92
N TYR A 328 31.84 31.55 -16.86
CA TYR A 328 32.49 31.22 -18.12
C TYR A 328 32.87 32.47 -18.88
N LEU A 329 31.89 33.34 -19.13
CA LEU A 329 32.16 34.49 -20.00
C LEU A 329 33.04 35.50 -19.28
N TYR A 330 32.85 35.68 -17.97
CA TYR A 330 33.69 36.63 -17.26
C TYR A 330 35.15 36.19 -17.24
N GLU A 331 35.39 34.87 -17.13
CA GLU A 331 36.74 34.32 -17.02
C GLU A 331 36.81 33.00 -17.79
N ASP A 332 36.95 33.09 -19.10
CA ASP A 332 36.97 31.89 -19.94
C ASP A 332 38.31 31.19 -19.76
N GLU A 333 38.36 30.23 -18.85
CA GLU A 333 39.57 29.46 -18.62
C GLU A 333 39.53 28.12 -19.33
N GLY A 334 38.94 28.07 -20.52
CA GLY A 334 38.93 26.82 -21.24
C GLY A 334 37.89 25.88 -20.65
N CYS A 335 38.18 24.58 -20.74
CA CYS A 335 37.25 23.61 -20.20
C CYS A 335 37.24 23.58 -18.67
N TRP A 336 38.03 24.44 -18.03
CA TRP A 336 37.91 24.88 -16.63
C TRP A 336 38.85 24.31 -15.57
N THR A 337 39.43 25.23 -14.80
CA THR A 337 40.03 24.96 -13.51
C THR A 337 39.56 26.06 -12.57
N ARG A 338 38.81 25.69 -11.54
CA ARG A 338 38.14 26.71 -10.73
C ARG A 338 39.02 27.31 -9.65
N ASN A 339 40.01 26.58 -9.15
CA ASN A 339 40.80 27.08 -8.04
C ASN A 339 41.43 28.42 -8.37
N SER A 340 41.90 28.59 -9.61
CA SER A 340 42.42 29.87 -10.04
C SER A 340 41.38 30.98 -9.86
N ASN A 341 40.11 30.66 -10.13
CA ASN A 341 39.08 31.68 -10.05
C ASN A 341 39.00 32.24 -8.63
N MET A 342 38.93 31.35 -7.64
CA MET A 342 38.96 31.69 -6.22
C MET A 342 37.72 32.42 -5.73
N ASN A 343 36.77 32.73 -6.61
CA ASN A 343 35.58 33.43 -6.20
C ASN A 343 34.31 32.74 -6.69
N TYR A 344 34.44 31.75 -7.57
CA TYR A 344 33.26 31.07 -8.07
C TYR A 344 32.90 29.84 -7.26
N TRP A 345 33.90 29.05 -6.87
CA TRP A 345 33.64 27.84 -6.11
C TRP A 345 32.85 28.14 -4.86
N LEU A 346 33.28 29.10 -4.05
CA LEU A 346 32.55 29.34 -2.81
C LEU A 346 31.14 29.82 -3.10
N ILE A 347 30.98 30.74 -4.05
CA ILE A 347 29.67 31.35 -4.24
C ILE A 347 28.66 30.31 -4.69
N ILE A 348 29.05 29.41 -5.60
CA ILE A 348 28.16 28.30 -5.97
C ILE A 348 28.04 27.30 -4.83
N ARG A 349 29.14 27.06 -4.12
CA ARG A 349 29.17 26.06 -3.06
C ARG A 349 28.20 26.38 -1.94
N LEU A 350 28.00 27.66 -1.61
CA LEU A 350 27.10 27.98 -0.51
C LEU A 350 25.70 27.45 -0.73
N PRO A 351 25.09 27.56 -1.89
CA PRO A 351 23.78 26.89 -2.05
C PRO A 351 23.92 25.39 -1.97
N ILE A 352 24.95 24.81 -2.62
CA ILE A 352 25.11 23.35 -2.58
C ILE A 352 25.38 22.90 -1.16
N LEU A 353 26.26 23.63 -0.46
CA LEU A 353 26.55 23.29 0.92
C LEU A 353 25.30 23.49 1.74
N PHE A 354 24.54 24.52 1.42
CA PHE A 354 23.30 24.79 2.13
C PHE A 354 22.38 23.60 1.97
N ALA A 355 22.36 23.02 0.78
CA ALA A 355 21.51 21.87 0.56
C ALA A 355 21.92 20.75 1.49
N ILE A 356 23.23 20.49 1.55
CA ILE A 356 23.70 19.42 2.41
C ILE A 356 23.44 19.73 3.88
N GLY A 357 23.54 21.01 4.28
CA GLY A 357 23.16 21.39 5.63
C GLY A 357 21.70 21.11 5.92
N VAL A 358 20.84 21.32 4.92
CA VAL A 358 19.47 20.87 5.03
C VAL A 358 19.45 19.38 5.30
N ASN A 359 20.33 18.63 4.62
CA ASN A 359 20.35 17.19 4.83
C ASN A 359 20.73 16.89 6.26
N PHE A 360 21.66 17.66 6.82
CA PHE A 360 22.08 17.46 8.20
C PHE A 360 20.93 17.71 9.17
N LEU A 361 20.19 18.81 9.00
CA LEU A 361 19.07 19.05 9.90
C LEU A 361 17.96 18.02 9.73
N ILE A 362 17.59 17.72 8.48
CA ILE A 362 16.53 16.74 8.24
C ILE A 362 16.92 15.35 8.70
N PHE A 363 18.15 14.92 8.42
CA PHE A 363 18.58 13.59 8.85
C PHE A 363 18.63 13.51 10.36
N ILE A 364 19.11 14.56 11.01
CA ILE A 364 19.18 14.60 12.45
C ILE A 364 17.78 14.51 13.04
N ARG A 365 16.82 15.18 12.40
CA ARG A 365 15.47 15.18 12.95
C ARG A 365 14.78 13.86 12.62
N VAL A 366 15.08 13.27 11.47
CA VAL A 366 14.45 12.01 11.14
C VAL A 366 14.85 10.97 12.16
N ILE A 367 16.16 10.80 12.39
CA ILE A 367 16.55 9.77 13.33
C ILE A 367 16.12 10.12 14.75
N CYS A 368 16.23 11.39 15.15
CA CYS A 368 15.79 11.72 16.51
C CYS A 368 14.32 11.39 16.70
N ILE A 369 13.50 11.62 15.68
CA ILE A 369 12.09 11.25 15.73
C ILE A 369 11.93 9.74 15.75
N VAL A 370 12.70 9.01 14.93
CA VAL A 370 12.56 7.55 14.88
C VAL A 370 12.89 6.93 16.23
N VAL A 371 13.98 7.39 16.84
CA VAL A 371 14.36 6.90 18.17
C VAL A 371 13.32 7.31 19.18
N SER A 372 12.85 8.55 19.11
CA SER A 372 11.88 9.03 20.08
C SER A 372 10.64 8.15 20.05
N LYS A 373 10.17 7.84 18.84
CA LYS A 373 9.01 6.95 18.71
C LYS A 373 9.35 5.55 19.16
N LEU A 374 10.55 5.07 18.85
CA LEU A 374 10.93 3.71 19.20
C LEU A 374 10.93 3.50 20.71
N LYS A 375 11.38 4.51 21.46
CA LYS A 375 11.46 4.40 22.91
C LYS A 375 10.09 4.37 23.59
N ALA A 376 9.13 5.16 23.12
CA ALA A 376 7.89 5.33 23.86
C ALA A 376 7.11 4.02 24.05
N ASN A 377 6.62 3.44 22.97
CA ASN A 377 5.84 2.20 23.05
C ASN A 377 6.44 1.09 22.19
N LEU A 378 7.18 1.44 21.16
CA LEU A 378 7.83 0.43 20.36
C LEU A 378 8.82 -0.31 21.24
N MET A 379 9.52 0.44 22.10
CA MET A 379 10.43 -0.19 23.06
C MET A 379 9.67 -1.12 23.98
N CYS A 380 8.45 -0.75 24.36
CA CYS A 380 7.64 -1.58 25.26
C CYS A 380 7.45 -2.97 24.68
N LYS A 381 8.00 -3.20 23.49
CA LYS A 381 8.05 -4.52 22.87
C LYS A 381 9.34 -5.22 23.25
N THR A 382 10.19 -4.57 24.04
CA THR A 382 11.48 -5.08 24.48
C THR A 382 12.27 -5.59 23.28
N ASP A 383 12.62 -4.63 22.43
CA ASP A 383 13.37 -4.89 21.21
C ASP A 383 14.66 -4.09 21.26
N ILE A 384 15.81 -4.78 21.17
CA ILE A 384 17.11 -4.12 21.22
C ILE A 384 17.16 -3.05 20.15
N LYS A 385 17.57 -1.85 20.55
CA LYS A 385 17.54 -0.75 19.60
C LYS A 385 18.66 -0.82 18.58
N CYS A 386 19.89 -1.07 19.03
CA CYS A 386 21.06 -0.91 18.17
C CYS A 386 20.88 -1.58 16.81
N ARG A 387 20.27 -2.76 16.77
CA ARG A 387 20.01 -3.37 15.47
C ARG A 387 19.05 -2.53 14.64
N LEU A 388 17.99 -2.03 15.28
CA LEU A 388 17.06 -1.17 14.58
C LEU A 388 17.73 0.12 14.15
N ALA A 389 18.63 0.64 14.99
CA ALA A 389 19.40 1.82 14.61
C ALA A 389 20.23 1.54 13.37
N LYS A 390 20.74 0.31 13.25
CA LYS A 390 21.43 -0.06 12.01
C LYS A 390 20.44 -0.02 10.85
N SER A 391 19.22 -0.50 11.09
CA SER A 391 18.20 -0.43 10.04
C SER A 391 17.96 1.03 9.66
N THR A 392 17.97 1.92 10.65
CA THR A 392 17.90 3.34 10.39
C THR A 392 19.11 3.81 9.60
N LEU A 393 20.28 3.22 9.88
CA LEU A 393 21.48 3.58 9.14
C LEU A 393 21.26 3.32 7.67
N THR A 394 20.42 2.35 7.34
CA THR A 394 20.13 2.08 5.95
C THR A 394 19.66 3.33 5.22
N LEU A 395 18.87 4.18 5.90
CA LEU A 395 18.50 5.48 5.35
C LEU A 395 19.65 6.36 4.87
N ILE A 396 20.90 6.15 5.33
CA ILE A 396 21.95 7.15 5.07
C ILE A 396 22.29 7.37 3.60
N PRO A 397 22.41 6.36 2.74
CA PRO A 397 22.67 6.69 1.33
C PRO A 397 21.56 7.52 0.72
N LEU A 398 20.33 7.39 1.22
CA LEU A 398 19.23 8.09 0.60
C LEU A 398 19.35 9.59 0.75
N LEU A 399 19.66 10.06 1.93
CA LEU A 399 19.78 11.49 2.07
C LEU A 399 21.20 11.94 1.84
N GLY A 400 22.14 11.00 1.78
CA GLY A 400 23.53 11.30 1.55
C GLY A 400 24.09 12.26 2.57
N THR A 401 23.61 12.21 3.80
CA THR A 401 24.07 13.16 4.81
C THR A 401 25.38 12.62 5.36
N HIS A 402 26.32 12.47 4.45
CA HIS A 402 27.71 12.17 4.75
C HIS A 402 28.63 13.20 4.17
N GLU A 403 28.16 13.98 3.20
CA GLU A 403 29.00 14.94 2.51
C GLU A 403 29.50 16.02 3.45
N VAL A 404 28.81 16.24 4.58
CA VAL A 404 29.19 17.29 5.51
C VAL A 404 30.67 17.21 5.85
N ILE A 405 31.20 15.98 5.91
CA ILE A 405 32.65 15.83 6.07
C ILE A 405 33.38 16.52 4.94
N PHE A 406 32.76 16.64 3.78
CA PHE A 406 33.31 17.45 2.71
C PHE A 406 32.79 18.88 2.75
N ALA A 407 31.78 19.15 3.59
CA ALA A 407 31.24 20.50 3.75
C ALA A 407 31.94 21.30 4.82
N PHE A 408 32.86 20.70 5.57
CA PHE A 408 33.66 21.51 6.46
C PHE A 408 34.52 22.47 5.66
N VAL A 409 34.88 22.09 4.43
CA VAL A 409 35.76 22.88 3.58
C VAL A 409 35.18 24.27 3.36
N MET A 410 36.03 25.29 3.50
CA MET A 410 35.61 26.66 3.27
C MET A 410 36.34 27.29 2.10
N ASP A 411 36.56 28.61 2.16
CA ASP A 411 37.23 29.34 1.09
C ASP A 411 38.74 29.36 1.26
N GLU A 412 39.20 29.77 2.44
CA GLU A 412 40.63 29.77 2.71
C GLU A 412 41.17 28.35 2.76
N HIS A 413 40.38 27.43 3.29
CA HIS A 413 40.85 26.06 3.55
C HIS A 413 41.45 25.44 2.30
N ALA A 414 40.80 25.64 1.15
CA ALA A 414 41.26 25.13 -0.14
C ALA A 414 41.60 23.66 -0.07
N ARG A 415 40.64 22.89 0.46
CA ARG A 415 40.73 21.45 0.66
C ARG A 415 41.90 21.15 1.62
N GLY A 416 42.81 20.25 1.26
CA GLY A 416 43.87 19.84 2.16
C GLY A 416 44.55 18.61 1.62
N THR A 417 45.86 18.50 1.80
CA THR A 417 46.57 17.31 1.33
C THR A 417 46.09 16.05 2.03
N LEU A 418 46.02 16.07 3.36
CA LEU A 418 45.44 14.93 4.07
C LEU A 418 43.95 14.82 3.77
N ARG A 419 43.26 15.96 3.71
CA ARG A 419 41.85 15.95 3.38
C ARG A 419 41.62 15.36 2.00
N PHE A 420 42.56 15.59 1.09
CA PHE A 420 42.45 15.10 -0.27
C PHE A 420 42.14 13.61 -0.35
N VAL A 421 42.58 12.84 0.66
CA VAL A 421 42.34 11.41 0.62
C VAL A 421 40.92 11.07 1.02
N LYS A 422 40.47 11.60 2.16
CA LYS A 422 39.07 11.43 2.55
C LYS A 422 38.15 12.22 1.63
N LEU A 423 38.60 13.38 1.14
CA LEU A 423 37.77 14.15 0.22
C LEU A 423 37.52 13.35 -1.05
N PHE A 424 38.58 12.76 -1.62
CA PHE A 424 38.41 11.98 -2.84
C PHE A 424 37.67 10.67 -2.62
N THR A 425 38.07 9.90 -1.61
CA THR A 425 37.37 8.66 -1.34
C THR A 425 35.92 8.93 -1.04
N GLU A 426 35.67 10.00 -0.29
CA GLU A 426 34.32 10.45 -0.04
C GLU A 426 33.60 10.71 -1.34
N LEU A 427 34.29 11.33 -2.31
CA LEU A 427 33.67 11.56 -3.61
C LEU A 427 33.26 10.25 -4.26
N SER A 428 34.10 9.24 -4.16
CA SER A 428 33.70 7.94 -4.68
C SER A 428 32.44 7.45 -3.98
N PHE A 429 32.36 7.66 -2.65
CA PHE A 429 31.18 7.22 -1.93
C PHE A 429 29.92 7.93 -2.40
N THR A 430 30.00 9.25 -2.59
CA THR A 430 28.82 9.96 -3.05
C THR A 430 28.44 9.49 -4.45
N SER A 431 29.44 9.14 -5.27
CA SER A 431 29.10 8.59 -6.57
C SER A 431 28.34 7.28 -6.43
N PHE A 432 28.74 6.42 -5.50
CA PHE A 432 28.03 5.15 -5.34
C PHE A 432 26.73 5.28 -4.59
N GLN A 433 26.47 6.46 -4.04
CA GLN A 433 25.24 6.70 -3.32
C GLN A 433 24.05 6.26 -4.14
N GLY A 434 24.10 6.45 -5.46
CA GLY A 434 22.98 6.05 -6.30
C GLY A 434 22.76 4.55 -6.35
N LEU A 435 23.79 3.79 -6.70
CA LEU A 435 23.60 2.35 -6.83
C LEU A 435 23.17 1.76 -5.51
N MET A 436 23.90 2.09 -4.46
CA MET A 436 23.58 1.49 -3.19
C MET A 436 22.21 1.94 -2.71
N VAL A 437 21.85 3.20 -2.94
CA VAL A 437 20.57 3.68 -2.43
C VAL A 437 19.42 2.96 -3.12
N ALA A 438 19.46 2.91 -4.45
CA ALA A 438 18.37 2.30 -5.20
C ALA A 438 18.22 0.83 -4.84
N ILE A 439 19.33 0.09 -4.77
CA ILE A 439 19.18 -1.31 -4.40
C ILE A 439 18.73 -1.43 -2.95
N LEU A 440 19.22 -0.54 -2.08
CA LEU A 440 19.01 -0.73 -0.66
C LEU A 440 17.56 -0.54 -0.25
N TYR A 441 16.90 0.55 -0.68
CA TYR A 441 15.53 0.62 -0.17
C TYR A 441 14.48 0.58 -1.26
N CYS A 442 14.83 0.38 -2.52
CA CYS A 442 13.73 0.33 -3.47
C CYS A 442 13.76 -0.93 -4.32
N PHE A 443 14.94 -1.27 -4.86
CA PHE A 443 15.05 -2.50 -5.62
C PHE A 443 14.81 -3.72 -4.74
N VAL A 444 15.11 -3.61 -3.45
CA VAL A 444 14.87 -4.68 -2.49
C VAL A 444 13.99 -4.12 -1.37
N ASN A 445 12.72 -3.94 -1.69
CA ASN A 445 11.68 -3.52 -0.78
C ASN A 445 10.78 -4.68 -0.47
N ASN A 446 10.39 -4.82 0.80
CA ASN A 446 9.53 -5.94 1.12
C ASN A 446 8.23 -5.88 0.35
N GLU A 447 7.61 -4.71 0.26
CA GLU A 447 6.38 -4.62 -0.53
C GLU A 447 6.67 -4.85 -2.01
N VAL A 448 7.74 -4.24 -2.51
CA VAL A 448 8.07 -4.40 -3.92
C VAL A 448 8.42 -5.85 -4.22
N GLN A 449 9.19 -6.49 -3.33
CA GLN A 449 9.50 -7.90 -3.57
C GLN A 449 8.24 -8.74 -3.51
N MET A 450 7.36 -8.42 -2.56
CA MET A 450 6.11 -9.16 -2.39
C MET A 450 5.24 -9.01 -3.63
N GLU A 451 5.22 -7.83 -4.22
CA GLU A 451 4.39 -7.59 -5.40
C GLU A 451 5.06 -8.15 -6.63
N PHE A 452 6.36 -7.95 -6.78
CA PHE A 452 7.09 -8.51 -7.89
C PHE A 452 6.89 -10.02 -7.95
N ARG A 453 7.14 -10.70 -6.83
CA ARG A 453 6.98 -12.14 -6.74
C ARG A 453 5.53 -12.55 -6.93
N LYS A 454 4.62 -11.82 -6.30
CA LYS A 454 3.21 -12.16 -6.40
C LYS A 454 2.73 -11.98 -7.84
N SER A 455 3.30 -11.00 -8.54
CA SER A 455 3.06 -10.83 -9.96
C SER A 455 3.78 -11.89 -10.77
N TRP A 456 4.89 -12.42 -10.25
CA TRP A 456 5.58 -13.51 -10.94
C TRP A 456 4.69 -14.73 -11.01
N GLU A 457 4.12 -15.13 -9.89
CA GLU A 457 3.18 -16.22 -9.94
C GLU A 457 1.91 -15.79 -10.68
N ARG A 458 1.55 -14.52 -10.55
CA ARG A 458 0.34 -13.98 -11.15
C ARG A 458 0.35 -14.11 -12.67
N TRP A 459 1.47 -13.78 -13.30
CA TRP A 459 1.65 -13.96 -14.73
C TRP A 459 1.74 -15.42 -15.11
N ARG A 460 2.04 -16.30 -14.14
CA ARG A 460 2.14 -17.73 -14.37
C ARG A 460 0.79 -18.41 -14.18
N HIS B 1 30.74 19.72 -9.03
CA HIS B 1 31.12 20.70 -8.03
C HIS B 1 31.86 20.00 -6.92
N ALA B 2 31.12 19.22 -6.12
CA ALA B 2 31.77 18.36 -5.15
C ALA B 2 32.62 17.33 -5.88
N GLU B 3 32.12 16.82 -7.00
CA GLU B 3 32.93 15.96 -7.84
C GLU B 3 33.73 16.76 -8.84
N GLY B 4 33.15 17.86 -9.32
CA GLY B 4 33.84 18.72 -10.23
C GLY B 4 35.19 19.16 -9.72
N THR B 5 35.21 19.95 -8.64
CA THR B 5 36.46 20.48 -8.10
C THR B 5 37.60 19.46 -8.16
N PHE B 6 37.30 18.25 -7.68
CA PHE B 6 38.31 17.20 -7.77
C PHE B 6 38.69 16.91 -9.20
N THR B 7 37.77 17.09 -10.14
CA THR B 7 38.19 16.81 -11.49
C THR B 7 38.84 18.02 -12.11
N SER B 8 38.46 19.22 -11.66
CA SER B 8 39.11 20.43 -12.12
C SER B 8 40.60 20.32 -11.92
N ASP B 9 41.00 19.75 -10.79
CA ASP B 9 42.42 19.46 -10.62
C ASP B 9 42.92 18.49 -11.70
N VAL B 10 42.11 17.47 -11.99
CA VAL B 10 42.53 16.45 -12.94
C VAL B 10 42.81 17.09 -14.28
N SER B 11 41.93 17.98 -14.71
CA SER B 11 42.11 18.70 -15.96
C SER B 11 43.33 19.60 -15.90
N SER B 12 43.64 20.16 -14.73
CA SER B 12 44.88 20.93 -14.62
C SER B 12 46.09 20.06 -14.92
N TYR B 13 46.11 18.83 -14.38
CA TYR B 13 47.19 17.90 -14.76
C TYR B 13 47.13 17.53 -16.23
N LEU B 14 45.94 17.37 -16.80
CA LEU B 14 45.84 17.08 -18.22
C LEU B 14 46.47 18.19 -19.04
N GLU B 15 46.16 19.45 -18.69
CA GLU B 15 46.74 20.58 -19.40
C GLU B 15 48.26 20.61 -19.24
N GLY B 16 48.74 20.30 -18.04
CA GLY B 16 50.17 20.24 -17.84
C GLY B 16 50.85 19.20 -18.70
N GLN B 17 50.41 17.94 -18.55
CA GLN B 17 51.03 16.85 -19.30
C GLN B 17 50.89 17.04 -20.79
N ALA B 18 49.74 17.55 -21.23
CA ALA B 18 49.55 17.82 -22.65
C ALA B 18 50.51 18.90 -23.13
N ALA B 19 50.70 19.95 -22.34
CA ALA B 19 51.66 20.97 -22.72
C ALA B 19 53.05 20.36 -22.82
N LYS B 20 53.40 19.47 -21.89
CA LYS B 20 54.68 18.80 -21.93
C LYS B 20 54.83 17.96 -23.19
N GLU B 21 53.77 17.24 -23.55
CA GLU B 21 53.80 16.46 -24.78
C GLU B 21 53.99 17.37 -25.98
N PHE B 22 53.38 18.56 -25.95
CA PHE B 22 53.68 19.52 -26.99
C PHE B 22 55.15 19.87 -27.00
N ILE B 23 55.75 20.03 -25.82
CA ILE B 23 57.15 20.45 -25.78
C ILE B 23 58.04 19.38 -26.37
N ALA B 24 57.84 18.13 -25.97
CA ALA B 24 58.67 17.06 -26.51
C ALA B 24 58.43 16.92 -28.01
N TRP B 25 57.17 17.00 -28.40
CA TRP B 25 56.78 16.85 -29.79
C TRP B 25 57.41 17.94 -30.66
N LEU B 26 57.38 19.18 -30.18
CA LEU B 26 57.95 20.28 -30.93
C LEU B 26 59.47 20.29 -30.92
N VAL B 27 60.06 20.13 -29.75
CA VAL B 27 61.51 20.25 -29.62
C VAL B 27 62.22 19.12 -30.35
N LYS B 28 61.76 17.89 -30.14
CA LYS B 28 62.36 16.72 -30.78
C LYS B 28 61.29 15.97 -31.53
N GLY B 29 61.51 15.79 -32.83
CA GLY B 29 60.52 15.14 -33.65
C GLY B 29 59.89 16.14 -34.59
N ARG B 30 58.58 16.05 -34.76
CA ARG B 30 57.80 16.97 -35.57
C ARG B 30 56.91 17.76 -34.64
N GLY B 31 56.92 19.08 -34.79
CA GLY B 31 56.12 19.92 -33.93
C GLY B 31 55.47 21.09 -34.63
N THR C 9 -19.92 8.94 -37.47
CA THR C 9 -18.80 9.73 -36.98
C THR C 9 -19.29 10.90 -36.15
N GLU C 10 -20.44 11.44 -36.54
CA GLU C 10 -20.98 12.57 -35.81
C GLU C 10 -21.28 12.19 -34.37
N ASP C 11 -21.87 11.02 -34.17
CA ASP C 11 -22.12 10.64 -32.79
C ASP C 11 -20.84 10.41 -32.02
N GLN C 12 -19.89 9.68 -32.61
CA GLN C 12 -18.64 9.42 -31.89
C GLN C 12 -17.82 10.67 -31.67
N ARG C 13 -17.68 11.52 -32.70
CA ARG C 13 -16.92 12.75 -32.50
C ARG C 13 -17.61 13.68 -31.52
N ASN C 14 -18.92 13.75 -31.63
CA ASN C 14 -19.72 14.60 -30.78
C ASN C 14 -19.68 14.14 -29.33
N GLU C 15 -19.59 12.84 -29.10
CA GLU C 15 -19.53 12.33 -27.74
C GLU C 15 -18.13 12.49 -27.19
N GLU C 16 -17.12 12.29 -28.03
CA GLU C 16 -15.77 12.65 -27.61
C GLU C 16 -15.71 14.10 -27.12
N LYS C 17 -16.37 15.02 -27.81
CA LYS C 17 -16.34 16.40 -27.32
C LYS C 17 -17.15 16.58 -26.05
N ALA C 18 -18.43 16.23 -26.10
CA ALA C 18 -19.30 16.50 -24.96
C ALA C 18 -18.83 15.69 -23.76
N GLN C 19 -18.84 14.38 -23.92
CA GLN C 19 -18.36 13.48 -22.89
C GLN C 19 -16.92 13.79 -22.51
N ARG C 20 -16.13 14.31 -23.45
CA ARG C 20 -14.78 14.75 -23.09
C ARG C 20 -14.84 15.83 -22.02
N GLU C 21 -15.68 16.84 -22.22
CA GLU C 21 -15.84 17.83 -21.16
C GLU C 21 -16.36 17.18 -19.89
N ALA C 22 -17.33 16.29 -20.01
CA ALA C 22 -17.80 15.56 -18.84
C ALA C 22 -16.61 14.98 -18.07
N ASN C 23 -15.73 14.30 -18.79
CA ASN C 23 -14.55 13.70 -18.19
C ASN C 23 -13.66 14.75 -17.55
N LYS C 24 -13.48 15.89 -18.22
CA LYS C 24 -12.60 16.92 -17.68
C LYS C 24 -13.16 17.49 -16.38
N LYS C 25 -14.45 17.83 -16.36
CA LYS C 25 -15.06 18.36 -15.15
C LYS C 25 -15.03 17.33 -14.04
N ILE C 26 -15.37 16.09 -14.35
CA ILE C 26 -15.42 15.05 -13.33
C ILE C 26 -14.04 14.78 -12.78
N GLU C 27 -13.05 14.61 -13.66
CA GLU C 27 -11.71 14.29 -13.20
C GLU C 27 -11.11 15.43 -12.39
N LYS C 28 -11.25 16.66 -12.87
CA LYS C 28 -10.73 17.78 -12.08
C LYS C 28 -11.43 17.82 -10.73
N GLN C 29 -12.72 17.50 -10.71
CA GLN C 29 -13.39 17.36 -9.44
C GLN C 29 -12.71 16.28 -8.61
N LEU C 30 -12.30 15.18 -9.24
CA LEU C 30 -11.69 14.08 -8.51
C LEU C 30 -10.38 14.50 -7.87
N GLN C 31 -9.52 15.18 -8.62
CA GLN C 31 -8.27 15.65 -8.04
C GLN C 31 -8.54 16.64 -6.92
N LYS C 32 -9.61 17.43 -7.05
CA LYS C 32 -9.99 18.26 -5.93
C LYS C 32 -10.50 17.42 -4.76
N ASP C 33 -10.96 16.20 -5.04
CA ASP C 33 -11.55 15.33 -4.02
C ASP C 33 -10.50 14.54 -3.25
N LYS C 34 -9.50 14.01 -3.93
CA LYS C 34 -8.52 13.13 -3.29
C LYS C 34 -7.69 13.87 -2.26
N GLN C 35 -7.31 15.11 -2.56
CA GLN C 35 -6.51 15.87 -1.62
C GLN C 35 -7.29 16.21 -0.35
N VAL C 36 -8.48 16.79 -0.49
CA VAL C 36 -9.29 17.10 0.68
C VAL C 36 -9.62 15.84 1.46
N TYR C 37 -10.03 14.78 0.76
CA TYR C 37 -10.37 13.53 1.43
C TYR C 37 -9.18 12.94 2.16
N ARG C 38 -8.16 12.55 1.40
CA ARG C 38 -7.04 11.82 1.98
C ARG C 38 -6.33 12.66 3.03
N ALA C 39 -6.44 13.99 2.94
CA ALA C 39 -5.83 14.86 3.93
C ALA C 39 -6.50 14.73 5.30
N THR C 40 -7.74 14.28 5.34
CA THR C 40 -8.44 14.13 6.60
C THR C 40 -8.02 12.83 7.26
N HIS C 41 -8.30 12.73 8.57
CA HIS C 41 -8.05 11.49 9.29
C HIS C 41 -9.36 10.95 9.80
N ARG C 42 -9.78 9.82 9.23
CA ARG C 42 -11.01 9.14 9.64
C ARG C 42 -10.69 8.17 10.75
N LEU C 43 -11.53 8.17 11.78
CA LEU C 43 -11.33 7.35 12.97
C LEU C 43 -12.61 6.60 13.26
N LEU C 44 -12.48 5.34 13.67
CA LEU C 44 -13.64 4.52 14.00
C LEU C 44 -13.76 4.40 15.50
N LEU C 45 -14.73 5.07 16.08
CA LEU C 45 -14.94 5.03 17.52
C LEU C 45 -15.99 3.98 17.82
N LEU C 46 -15.66 3.00 18.65
CA LEU C 46 -16.69 2.05 19.04
C LEU C 46 -16.55 1.60 20.48
N GLY C 47 -17.70 1.37 21.09
CA GLY C 47 -17.80 0.95 22.47
C GLY C 47 -19.20 0.39 22.64
N ALA C 48 -19.37 -0.39 23.70
CA ALA C 48 -20.64 -1.08 23.89
C ALA C 48 -21.76 -0.09 24.20
N GLY C 49 -21.62 0.68 25.27
CA GLY C 49 -22.62 1.65 25.66
C GLY C 49 -22.11 2.42 26.87
N GLU C 50 -22.68 3.60 27.07
CA GLU C 50 -22.27 4.48 28.17
C GLU C 50 -20.79 4.85 28.02
N SER C 51 -20.34 4.98 26.77
CA SER C 51 -18.92 5.18 26.48
C SER C 51 -18.49 6.64 26.53
N GLY C 52 -19.39 7.58 26.82
CA GLY C 52 -19.05 8.99 26.79
C GLY C 52 -18.35 9.34 25.48
N LYS C 53 -18.73 8.60 24.44
CA LYS C 53 -18.26 8.84 23.08
C LYS C 53 -18.86 10.11 22.51
N SER C 54 -20.00 10.55 23.05
CA SER C 54 -20.60 11.81 22.69
C SER C 54 -20.11 12.93 23.60
N THR C 55 -19.55 12.59 24.74
CA THR C 55 -19.08 13.59 25.68
C THR C 55 -17.73 14.14 25.24
N ILE C 56 -16.85 13.27 24.74
CA ILE C 56 -15.55 13.70 24.27
C ILE C 56 -15.69 14.72 23.15
N VAL C 57 -16.70 14.57 22.31
CA VAL C 57 -16.90 15.48 21.19
C VAL C 57 -17.81 16.66 21.53
N LYS C 58 -18.58 16.59 22.63
CA LYS C 58 -19.61 17.59 22.86
C LYS C 58 -19.01 18.94 23.27
N GLN C 59 -18.00 18.93 24.12
CA GLN C 59 -17.38 20.16 24.57
C GLN C 59 -16.86 20.97 23.40
N SER C 191 -24.69 15.90 7.78
CA SER C 191 -24.03 14.74 8.34
C SER C 191 -24.86 14.10 9.47
N GLY C 192 -24.85 12.78 9.51
CA GLY C 192 -25.53 12.06 10.56
C GLY C 192 -24.90 12.26 11.92
N ILE C 193 -25.71 11.99 12.96
CA ILE C 193 -25.29 12.15 14.34
C ILE C 193 -23.98 11.43 14.62
N PHE C 194 -23.69 10.37 13.86
CA PHE C 194 -22.50 9.56 14.12
C PHE C 194 -21.25 10.25 13.62
N GLU C 195 -21.31 10.88 12.46
CA GLU C 195 -20.12 11.45 11.88
C GLU C 195 -19.83 12.81 12.47
N THR C 196 -18.55 13.04 12.76
CA THR C 196 -18.08 14.29 13.34
C THR C 196 -16.99 14.87 12.44
N LYS C 197 -17.17 16.14 12.11
CA LYS C 197 -16.25 16.93 11.31
C LYS C 197 -15.60 17.92 12.26
N PHE C 198 -14.27 17.86 12.38
CA PHE C 198 -13.67 18.80 13.32
C PHE C 198 -12.33 19.28 12.79
N GLN C 199 -11.97 20.46 13.25
CA GLN C 199 -10.71 21.11 12.91
C GLN C 199 -9.87 21.14 14.17
N VAL C 200 -8.67 20.60 14.11
CA VAL C 200 -7.78 20.67 15.26
C VAL C 200 -6.35 20.86 14.77
N ASP C 201 -5.73 21.95 15.18
CA ASP C 201 -4.32 22.22 14.91
C ASP C 201 -4.00 22.05 13.43
N LYS C 202 -4.84 22.64 12.57
CA LYS C 202 -4.66 22.54 11.13
C LYS C 202 -4.72 21.09 10.66
N VAL C 203 -5.53 20.28 11.34
CA VAL C 203 -5.70 18.87 11.03
C VAL C 203 -7.18 18.53 11.09
N ASN C 204 -7.74 18.18 9.94
CA ASN C 204 -9.13 17.79 9.82
C ASN C 204 -9.38 16.35 10.26
N PHE C 205 -10.40 16.18 11.09
CA PHE C 205 -10.77 14.88 11.61
C PHE C 205 -12.21 14.53 11.25
N HIS C 206 -12.37 13.22 11.04
CA HIS C 206 -13.63 12.56 10.72
C HIS C 206 -13.83 11.44 11.73
N MET C 207 -14.56 11.71 12.80
CA MET C 207 -14.88 10.63 13.72
C MET C 207 -16.17 9.95 13.31
N PHE C 208 -16.27 8.65 13.60
CA PHE C 208 -17.52 7.95 13.32
C PHE C 208 -17.97 7.06 14.46
N ASP C 209 -19.29 7.10 14.69
CA ASP C 209 -19.98 6.29 15.69
C ASP C 209 -20.75 5.15 15.05
N VAL C 210 -20.49 3.92 15.48
CA VAL C 210 -21.22 2.76 14.97
C VAL C 210 -22.38 2.45 15.92
N GLY C 211 -22.69 3.38 16.82
CA GLY C 211 -23.76 3.18 17.79
C GLY C 211 -25.11 2.86 17.17
N GLY C 212 -25.30 3.13 15.88
CA GLY C 212 -26.53 2.79 15.21
C GLY C 212 -26.59 1.42 14.58
N GLN C 213 -25.68 0.51 14.88
CA GLN C 213 -25.73 -0.79 14.27
C GLN C 213 -25.85 -1.89 15.32
N ARG C 214 -26.35 -3.04 14.86
CA ARG C 214 -26.48 -4.19 15.73
C ARG C 214 -25.10 -4.77 16.02
N ASP C 215 -25.09 -5.75 16.90
CA ASP C 215 -23.84 -6.27 17.42
C ASP C 215 -23.22 -7.35 16.56
N GLU C 216 -23.78 -7.65 15.39
CA GLU C 216 -23.15 -8.54 14.44
C GLU C 216 -22.22 -7.68 13.61
N ARG C 217 -20.93 -7.73 13.90
CA ARG C 217 -20.01 -6.82 13.24
C ARG C 217 -19.12 -7.45 12.20
N ARG C 218 -19.03 -8.78 12.14
CA ARG C 218 -17.99 -9.39 11.31
C ARG C 218 -18.17 -9.03 9.85
N LYS C 219 -19.40 -8.76 9.44
CA LYS C 219 -19.60 -8.38 8.05
C LYS C 219 -19.18 -6.95 7.82
N TRP C 220 -19.72 -6.02 8.60
CA TRP C 220 -19.53 -4.62 8.27
C TRP C 220 -18.22 -4.04 8.77
N ILE C 221 -17.59 -4.65 9.77
CA ILE C 221 -16.39 -4.02 10.29
C ILE C 221 -15.27 -4.07 9.27
N GLN C 222 -15.35 -4.96 8.29
CA GLN C 222 -14.33 -4.97 7.25
C GLN C 222 -14.34 -3.70 6.43
N CYS C 223 -15.42 -2.93 6.49
CA CYS C 223 -15.49 -1.70 5.69
C CYS C 223 -14.32 -0.77 5.97
N PHE C 224 -13.69 -0.87 7.13
CA PHE C 224 -12.63 0.07 7.50
C PHE C 224 -11.31 -0.67 7.60
N ASN C 225 -10.55 -0.78 6.52
CA ASN C 225 -9.16 -1.13 6.69
C ASN C 225 -8.21 -0.01 6.35
N ASP C 226 -8.70 1.07 5.76
CA ASP C 226 -7.87 2.24 5.50
C ASP C 226 -8.11 3.32 6.54
N VAL C 227 -9.04 3.09 7.45
CA VAL C 227 -9.32 4.05 8.50
C VAL C 227 -8.06 4.25 9.31
N THR C 228 -7.76 5.51 9.63
CA THR C 228 -6.49 5.80 10.27
C THR C 228 -6.33 5.02 11.56
N ALA C 229 -7.39 4.92 12.34
CA ALA C 229 -7.26 4.21 13.60
C ALA C 229 -8.61 3.72 14.09
N ILE C 230 -8.56 2.61 14.83
CA ILE C 230 -9.73 2.09 15.51
C ILE C 230 -9.62 2.50 16.97
N ILE C 231 -10.46 3.45 17.36
CA ILE C 231 -10.59 3.83 18.76
C ILE C 231 -11.53 2.87 19.46
N PHE C 232 -11.03 2.23 20.51
CA PHE C 232 -11.74 1.17 21.22
C PHE C 232 -12.01 1.69 22.61
N VAL C 233 -13.27 2.04 22.90
CA VAL C 233 -13.60 2.77 24.11
C VAL C 233 -14.39 1.85 25.02
N VAL C 234 -13.83 1.58 26.20
CA VAL C 234 -14.46 0.65 27.14
C VAL C 234 -14.58 1.32 28.48
N ALA C 235 -15.69 1.06 29.17
CA ALA C 235 -15.84 1.53 30.53
C ALA C 235 -14.88 0.76 31.42
N SER C 236 -14.03 1.47 32.18
CA SER C 236 -13.00 0.77 32.93
C SER C 236 -13.52 0.07 34.16
N SER C 237 -14.66 0.48 34.69
CA SER C 237 -15.16 -0.09 35.93
C SER C 237 -16.08 -1.27 35.71
N SER C 238 -16.10 -1.82 34.50
CA SER C 238 -17.09 -2.80 34.07
C SER C 238 -16.81 -4.22 34.56
N TYR C 239 -15.81 -4.42 35.42
CA TYR C 239 -15.50 -5.76 35.89
C TYR C 239 -16.62 -6.41 36.69
N ASN C 240 -17.61 -5.65 37.16
CA ASN C 240 -18.63 -6.22 38.05
C ASN C 240 -19.72 -6.96 37.29
N MET C 241 -20.62 -6.22 36.65
CA MET C 241 -21.74 -6.74 35.89
C MET C 241 -22.66 -5.59 35.56
N THR C 249 -19.65 -10.16 36.28
CA THR C 249 -19.72 -10.61 34.90
C THR C 249 -18.49 -10.14 34.13
N ASN C 250 -17.99 -8.98 34.53
CA ASN C 250 -16.77 -8.40 33.96
C ASN C 250 -16.86 -8.32 32.44
N ARG C 251 -17.77 -7.45 32.00
CA ARG C 251 -17.90 -7.17 30.59
C ARG C 251 -16.65 -6.51 30.02
N LEU C 252 -15.74 -6.06 30.90
CA LEU C 252 -14.41 -5.69 30.43
C LEU C 252 -13.69 -6.89 29.87
N GLN C 253 -13.90 -8.07 30.43
CA GLN C 253 -13.33 -9.27 29.83
C GLN C 253 -13.84 -9.45 28.42
N GLU C 254 -15.10 -9.12 28.19
CA GLU C 254 -15.63 -9.08 26.84
C GLU C 254 -14.88 -8.05 26.01
N ALA C 255 -14.63 -6.88 26.58
CA ALA C 255 -13.84 -5.87 25.88
C ALA C 255 -12.50 -6.46 25.44
N LEU C 256 -11.87 -7.20 26.34
CA LEU C 256 -10.61 -7.86 26.03
C LEU C 256 -10.78 -8.76 24.83
N ASN C 257 -11.81 -9.59 24.85
CA ASN C 257 -12.01 -10.54 23.76
C ASN C 257 -12.24 -9.82 22.44
N LEU C 258 -13.15 -8.84 22.44
CA LEU C 258 -13.42 -8.06 21.24
C LEU C 258 -12.15 -7.40 20.72
N PHE C 259 -11.31 -6.93 21.64
CA PHE C 259 -10.07 -6.31 21.21
C PHE C 259 -9.19 -7.33 20.53
N LYS C 260 -9.06 -8.51 21.13
CA LYS C 260 -8.35 -9.58 20.44
C LYS C 260 -8.96 -9.80 19.07
N SER C 261 -10.29 -9.69 18.99
CA SER C 261 -10.97 -9.95 17.72
C SER C 261 -10.52 -8.96 16.66
N ILE C 262 -10.65 -7.67 16.95
CA ILE C 262 -10.23 -6.66 15.99
C ILE C 262 -8.76 -6.84 15.67
N TRP C 263 -7.98 -7.18 16.68
CA TRP C 263 -6.55 -7.33 16.52
C TRP C 263 -6.21 -8.47 15.57
N ASN C 264 -7.08 -9.48 15.50
CA ASN C 264 -6.74 -10.72 14.82
C ASN C 264 -7.18 -10.78 13.38
N ASN C 265 -8.02 -9.85 12.93
CA ASN C 265 -8.54 -9.93 11.58
C ASN C 265 -7.45 -9.69 10.57
N ARG C 266 -7.50 -10.46 9.47
CA ARG C 266 -6.57 -10.21 8.38
C ARG C 266 -6.79 -8.83 7.80
N TRP C 267 -8.02 -8.34 7.80
CA TRP C 267 -8.34 -7.07 7.18
C TRP C 267 -7.93 -5.90 8.03
N LEU C 268 -7.81 -6.09 9.34
CA LEU C 268 -7.40 -5.03 10.24
C LEU C 268 -5.94 -5.11 10.63
N ARG C 269 -5.18 -6.02 10.03
CA ARG C 269 -3.78 -6.19 10.40
C ARG C 269 -3.02 -4.88 10.32
N THR C 270 -3.46 -3.98 9.47
CA THR C 270 -2.77 -2.72 9.23
C THR C 270 -3.34 -1.58 10.04
N ILE C 271 -4.31 -1.82 10.91
CA ILE C 271 -4.95 -0.74 11.66
C ILE C 271 -4.45 -0.74 13.09
N SER C 272 -4.02 0.42 13.55
CA SER C 272 -3.66 0.58 14.94
C SER C 272 -4.89 0.91 15.78
N VAL C 273 -4.92 0.39 17.00
CA VAL C 273 -6.04 0.59 17.89
C VAL C 273 -5.61 1.56 18.98
N ILE C 274 -6.26 2.70 19.00
CA ILE C 274 -6.11 3.65 20.10
C ILE C 274 -7.08 3.25 21.20
N LEU C 275 -6.57 3.10 22.41
CA LEU C 275 -7.33 2.60 23.53
C LEU C 275 -7.89 3.73 24.37
N PHE C 276 -9.21 3.73 24.56
CA PHE C 276 -9.86 4.61 25.51
C PHE C 276 -10.34 3.79 26.69
N LEU C 277 -9.68 3.97 27.82
CA LEU C 277 -10.19 3.47 29.08
C LEU C 277 -11.02 4.58 29.69
N ASN C 278 -12.31 4.39 29.71
CA ASN C 278 -13.28 5.36 30.22
C ASN C 278 -13.64 4.92 31.63
N LYS C 279 -14.16 5.85 32.42
CA LYS C 279 -14.54 5.59 33.81
C LYS C 279 -13.32 5.32 34.69
N GLN C 280 -12.31 6.20 34.58
CA GLN C 280 -11.09 6.01 35.35
C GLN C 280 -11.36 6.06 36.84
N ASP C 281 -11.89 7.18 37.31
CA ASP C 281 -12.27 7.31 38.71
C ASP C 281 -13.29 6.26 39.11
N LEU C 282 -14.30 6.05 38.26
CA LEU C 282 -15.27 5.00 38.54
C LEU C 282 -14.61 3.64 38.64
N LEU C 283 -13.58 3.39 37.81
CA LEU C 283 -12.81 2.17 37.96
C LEU C 283 -12.14 2.08 39.31
N ALA C 284 -11.39 3.11 39.69
CA ALA C 284 -10.68 3.10 40.97
C ALA C 284 -11.63 2.84 42.14
N GLU C 285 -12.65 3.68 42.25
CA GLU C 285 -13.64 3.52 43.31
C GLU C 285 -14.29 2.14 43.26
N LYS C 286 -14.80 1.77 42.07
CA LYS C 286 -15.45 0.47 41.90
C LYS C 286 -14.54 -0.66 42.36
N VAL C 287 -13.24 -0.55 42.11
CA VAL C 287 -12.31 -1.56 42.57
C VAL C 287 -12.23 -1.57 44.09
N LEU C 288 -12.14 -0.39 44.70
CA LEU C 288 -12.11 -0.33 46.14
C LEU C 288 -13.39 -0.86 46.77
N ALA C 289 -14.50 -0.85 46.02
CA ALA C 289 -15.76 -1.38 46.54
C ALA C 289 -15.60 -2.83 46.98
N GLY C 290 -15.18 -3.70 46.07
CA GLY C 290 -14.71 -5.01 46.44
C GLY C 290 -15.73 -6.14 46.41
N LYS C 291 -17.04 -5.85 46.47
CA LYS C 291 -18.02 -6.92 46.58
C LYS C 291 -17.88 -7.93 45.44
N SER C 292 -17.73 -7.43 44.22
CA SER C 292 -17.39 -8.25 43.05
C SER C 292 -15.89 -8.07 42.81
N LYS C 293 -15.13 -9.15 42.88
CA LYS C 293 -13.68 -9.02 42.88
C LYS C 293 -13.07 -9.29 41.51
N ILE C 294 -12.22 -8.35 41.08
CA ILE C 294 -11.36 -8.59 39.93
C ILE C 294 -10.52 -9.83 40.15
N GLU C 295 -9.97 -9.97 41.36
CA GLU C 295 -9.00 -11.03 41.62
C GLU C 295 -9.53 -12.41 41.27
N ASP C 296 -10.83 -12.62 41.25
CA ASP C 296 -11.36 -13.83 40.63
C ASP C 296 -11.03 -13.85 39.15
N TYR C 297 -11.29 -12.75 38.46
CA TYR C 297 -11.10 -12.67 37.02
C TYR C 297 -9.72 -12.18 36.60
N PHE C 298 -8.91 -11.68 37.53
CA PHE C 298 -7.54 -11.27 37.23
C PHE C 298 -6.66 -11.53 38.44
N PRO C 299 -6.46 -12.80 38.80
CA PRO C 299 -5.62 -13.10 39.96
C PRO C 299 -4.20 -12.60 39.81
N GLU C 300 -3.67 -12.64 38.59
CA GLU C 300 -2.27 -12.33 38.32
C GLU C 300 -1.91 -10.93 38.76
N PHE C 301 -2.90 -10.16 39.22
CA PHE C 301 -2.63 -8.84 39.73
C PHE C 301 -1.75 -8.90 40.96
N ALA C 302 -1.90 -9.94 41.76
CA ALA C 302 -1.17 -10.02 43.01
C ALA C 302 0.33 -10.08 42.76
N ARG C 303 0.74 -10.82 41.72
CA ARG C 303 2.15 -10.98 41.42
C ARG C 303 2.63 -10.25 40.18
N TYR C 304 1.78 -9.47 39.51
CA TYR C 304 2.21 -8.78 38.30
C TYR C 304 2.62 -7.38 38.72
N THR C 305 3.72 -6.88 38.16
CA THR C 305 4.46 -5.81 38.80
C THR C 305 4.17 -4.42 38.24
N THR C 306 4.30 -3.44 39.12
CA THR C 306 4.07 -2.05 38.80
C THR C 306 5.02 -1.57 37.71
N PRO C 307 4.53 -0.82 36.73
CA PRO C 307 5.44 -0.12 35.81
C PRO C 307 6.33 0.85 36.56
N GLU C 308 7.45 1.19 35.94
CA GLU C 308 8.42 2.10 36.57
C GLU C 308 7.90 3.53 36.66
N ASP C 309 7.00 3.93 35.77
CA ASP C 309 6.54 5.30 35.65
C ASP C 309 5.35 5.65 36.56
N ALA C 310 5.13 4.89 37.64
CA ALA C 310 3.92 4.91 38.45
C ALA C 310 3.37 6.31 38.71
N THR C 311 2.06 6.48 38.47
CA THR C 311 1.37 7.76 38.61
C THR C 311 0.11 7.60 39.49
N PRO C 312 0.28 7.47 40.80
CA PRO C 312 -0.88 7.50 41.68
C PRO C 312 -1.48 8.88 41.79
N GLU C 313 -2.77 8.92 41.98
CA GLU C 313 -3.47 10.16 42.20
C GLU C 313 -3.42 10.49 43.70
N PRO C 314 -3.66 11.74 44.08
CA PRO C 314 -3.59 12.08 45.52
C PRO C 314 -4.56 11.24 46.33
N GLY C 315 -4.03 10.57 47.35
CA GLY C 315 -4.87 9.72 48.19
C GLY C 315 -5.19 8.37 47.58
N GLU C 316 -4.30 7.81 46.77
CA GLU C 316 -4.62 6.63 45.96
C GLU C 316 -3.80 5.44 46.42
N ASP C 317 -4.49 4.42 46.91
CA ASP C 317 -3.86 3.16 47.27
C ASP C 317 -3.08 2.62 46.07
N PRO C 318 -1.79 2.29 46.24
CA PRO C 318 -0.99 1.89 45.08
C PRO C 318 -1.60 0.78 44.24
N ARG C 319 -2.37 -0.13 44.86
CA ARG C 319 -2.96 -1.19 44.08
C ARG C 319 -3.87 -0.63 43.01
N VAL C 320 -4.60 0.44 43.32
CA VAL C 320 -5.47 1.05 42.34
C VAL C 320 -4.69 1.49 41.10
N THR C 321 -3.62 2.26 41.29
CA THR C 321 -2.85 2.75 40.15
C THR C 321 -2.25 1.60 39.37
N ARG C 322 -1.54 0.72 40.09
CA ARG C 322 -0.90 -0.40 39.41
C ARG C 322 -1.94 -1.22 38.70
N ALA C 323 -3.11 -1.36 39.31
CA ALA C 323 -4.22 -2.07 38.67
C ALA C 323 -4.57 -1.41 37.34
N LYS C 324 -4.72 -0.09 37.34
CA LYS C 324 -4.99 0.64 36.10
C LYS C 324 -3.98 0.27 35.02
N TYR C 325 -2.70 0.51 35.31
CA TYR C 325 -1.65 0.18 34.36
C TYR C 325 -1.59 -1.31 34.12
N PHE C 326 -2.07 -2.08 35.07
CA PHE C 326 -2.12 -3.53 34.97
C PHE C 326 -3.08 -3.96 33.87
N ILE C 327 -4.26 -3.36 33.82
CA ILE C 327 -5.16 -3.62 32.71
C ILE C 327 -4.51 -3.18 31.42
N ARG C 328 -3.86 -2.01 31.46
CA ARG C 328 -3.19 -1.52 30.26
C ARG C 328 -2.20 -2.55 29.74
N ASP C 329 -1.43 -3.13 30.65
CA ASP C 329 -0.48 -4.18 30.29
C ASP C 329 -1.23 -5.41 29.81
N GLU C 330 -2.41 -5.65 30.37
CA GLU C 330 -3.20 -6.79 29.93
C GLU C 330 -3.50 -6.64 28.45
N PHE C 331 -3.77 -5.42 28.02
CA PHE C 331 -3.84 -5.19 26.59
C PHE C 331 -2.47 -5.30 25.94
N LEU C 332 -1.40 -5.10 26.70
CA LEU C 332 -0.07 -5.16 26.07
C LEU C 332 0.29 -6.58 25.64
N ARG C 333 0.06 -7.58 26.49
CA ARG C 333 0.35 -8.94 26.04
C ARG C 333 -0.45 -9.24 24.79
N ILE C 334 -1.63 -8.63 24.69
CA ILE C 334 -2.40 -8.74 23.47
C ILE C 334 -1.65 -8.07 22.34
N SER C 335 -1.03 -6.93 22.64
CA SER C 335 -0.22 -6.24 21.64
C SER C 335 0.91 -7.12 21.12
N THR C 336 1.50 -7.93 21.99
CA THR C 336 2.56 -8.80 21.49
C THR C 336 2.00 -10.07 20.90
N ALA C 337 0.69 -10.29 20.99
CA ALA C 337 0.12 -11.51 20.44
C ALA C 337 0.35 -11.58 18.93
N SER C 338 0.14 -10.48 18.21
CA SER C 338 0.40 -10.48 16.78
C SER C 338 1.88 -10.66 16.49
N GLY C 339 2.72 -9.82 17.08
CA GLY C 339 4.12 -9.85 16.75
C GLY C 339 4.48 -9.22 15.43
N ASP C 340 3.52 -8.58 14.75
CA ASP C 340 3.81 -7.96 13.46
C ASP C 340 4.58 -6.66 13.63
N GLY C 341 4.18 -5.85 14.60
CA GLY C 341 4.74 -4.53 14.76
C GLY C 341 4.12 -3.48 13.88
N ARG C 342 3.05 -3.81 13.15
CA ARG C 342 2.39 -2.82 12.30
C ARG C 342 1.55 -1.82 13.06
N HIS C 343 0.94 -2.25 14.16
CA HIS C 343 0.01 -1.39 14.88
C HIS C 343 0.26 -1.52 16.37
N TYR C 344 -0.23 -0.55 17.13
CA TYR C 344 0.08 -0.54 18.54
C TYR C 344 -1.10 0.01 19.34
N CYS C 345 -1.08 -0.25 20.64
CA CYS C 345 -2.15 0.14 21.55
C CYS C 345 -1.67 1.27 22.44
N TYR C 346 -2.32 2.43 22.34
CA TYR C 346 -1.94 3.60 23.10
C TYR C 346 -3.01 3.91 24.14
N PRO C 347 -2.71 3.79 25.42
CA PRO C 347 -3.76 3.94 26.44
C PRO C 347 -4.18 5.39 26.60
N HIS C 348 -5.34 5.55 27.24
CA HIS C 348 -5.92 6.86 27.47
C HIS C 348 -6.78 6.82 28.73
N PHE C 349 -7.01 8.00 29.29
CA PHE C 349 -7.79 8.12 30.50
C PHE C 349 -8.87 9.17 30.37
N THR C 350 -10.10 8.81 30.70
CA THR C 350 -11.25 9.71 30.65
C THR C 350 -12.11 9.43 31.87
N CYS C 351 -12.88 10.44 32.28
CA CYS C 351 -13.78 10.45 33.44
C CYS C 351 -12.94 10.83 34.63
N ALA C 352 -11.64 11.06 34.42
CA ALA C 352 -10.81 11.52 35.51
C ALA C 352 -11.12 12.98 35.71
N VAL C 353 -11.31 13.69 34.59
CA VAL C 353 -11.63 15.10 34.51
C VAL C 353 -12.28 15.16 33.13
N ASP C 354 -12.76 16.32 32.74
CA ASP C 354 -13.37 16.56 31.45
C ASP C 354 -12.33 16.93 30.42
N THR C 355 -11.05 16.91 30.78
CA THR C 355 -10.01 17.36 29.88
C THR C 355 -10.05 16.61 28.56
N GLU C 356 -9.81 17.37 27.51
CA GLU C 356 -9.90 16.90 26.13
C GLU C 356 -8.85 15.83 25.84
N ASN C 357 -9.27 14.86 25.06
CA ASN C 357 -8.45 13.77 24.59
C ASN C 357 -7.83 14.12 23.25
N ILE C 358 -8.20 15.29 22.75
CA ILE C 358 -7.75 15.74 21.45
C ILE C 358 -6.24 15.80 21.39
N ARG C 359 -5.59 16.29 22.43
CA ARG C 359 -4.13 16.33 22.38
C ARG C 359 -3.59 14.92 22.25
N ARG C 360 -4.11 14.01 23.08
CA ARG C 360 -3.80 12.60 22.96
C ARG C 360 -4.19 12.08 21.59
N VAL C 361 -5.48 12.23 21.25
CA VAL C 361 -6.02 11.67 20.03
C VAL C 361 -5.14 12.05 18.85
N PHE C 362 -4.97 13.34 18.64
CA PHE C 362 -4.10 13.84 17.60
C PHE C 362 -2.72 13.25 17.69
N ASN C 363 -1.93 13.70 18.69
CA ASN C 363 -0.51 13.40 18.69
C ASN C 363 -0.28 11.93 18.42
N ASP C 364 -1.11 11.10 19.00
CA ASP C 364 -0.95 9.67 18.78
C ASP C 364 -1.29 9.32 17.35
N CYS C 365 -2.34 9.91 16.79
CA CYS C 365 -2.70 9.60 15.41
C CYS C 365 -1.58 10.00 14.48
N ARG C 366 -1.11 11.24 14.64
CA ARG C 366 0.05 11.77 13.96
C ARG C 366 1.17 10.76 13.95
N ASP C 367 1.54 10.32 15.15
CA ASP C 367 2.64 9.37 15.28
C ASP C 367 2.34 8.09 14.52
N ILE C 368 1.12 7.58 14.66
CA ILE C 368 0.76 6.32 14.00
C ILE C 368 1.02 6.40 12.51
N ILE C 369 0.34 7.33 11.85
CA ILE C 369 0.45 7.37 10.40
C ILE C 369 1.88 7.67 10.01
N GLN C 370 2.55 8.48 10.82
CA GLN C 370 3.99 8.62 10.68
C GLN C 370 4.67 7.27 10.69
N ARG C 371 4.16 6.34 11.49
CA ARG C 371 4.75 5.02 11.50
C ARG C 371 4.32 4.20 10.30
N MET C 372 3.22 4.57 9.65
CA MET C 372 2.95 3.92 8.37
C MET C 372 4.00 4.35 7.37
N HIS C 373 4.33 5.64 7.37
CA HIS C 373 5.29 6.10 6.39
C HIS C 373 6.64 5.49 6.68
N LEU C 374 7.02 5.51 7.95
CA LEU C 374 8.32 5.01 8.35
C LEU C 374 8.41 3.52 8.04
N ARG C 375 7.39 2.76 8.42
CA ARG C 375 7.41 1.32 8.16
C ARG C 375 7.52 1.06 6.67
N GLN C 376 6.80 1.83 5.87
CA GLN C 376 6.86 1.63 4.43
C GLN C 376 8.13 2.22 3.85
N TYR C 377 8.88 2.95 4.66
CA TYR C 377 10.14 3.54 4.24
C TYR C 377 11.31 2.68 4.73
N GLU C 378 11.02 1.42 5.07
CA GLU C 378 11.94 0.42 5.61
C GLU C 378 12.69 0.84 6.85
N LEU C 379 12.28 1.86 7.60
CA LEU C 379 12.99 2.11 8.85
C LEU C 379 12.70 1.03 9.89
N LEU C 380 11.43 0.71 10.09
CA LEU C 380 11.07 -0.27 11.09
C LEU C 380 10.98 -1.69 10.52
N GLN D 12 -45.62 -24.54 32.78
CA GLN D 12 -44.23 -24.55 32.38
C GLN D 12 -43.89 -25.85 31.66
N SER D 13 -42.61 -26.01 31.32
CA SER D 13 -42.10 -27.18 30.60
C SER D 13 -42.72 -27.32 29.22
N GLU D 14 -43.20 -26.20 28.66
CA GLU D 14 -43.76 -26.18 27.32
C GLU D 14 -42.68 -26.01 26.27
N LEU D 15 -41.73 -25.12 26.51
CA LEU D 15 -40.65 -24.88 25.56
C LEU D 15 -39.84 -26.14 25.26
N ASP D 16 -39.72 -27.06 26.21
CA ASP D 16 -38.97 -28.30 25.96
C ASP D 16 -39.65 -29.15 24.91
N GLN D 17 -40.93 -29.47 25.11
CA GLN D 17 -41.68 -30.21 24.11
C GLN D 17 -41.71 -29.45 22.79
N LEU D 18 -41.78 -28.13 22.87
CA LEU D 18 -41.64 -27.30 21.68
C LEU D 18 -40.34 -27.59 20.94
N ARG D 19 -39.25 -27.75 21.70
CA ARG D 19 -37.97 -28.10 21.10
C ARG D 19 -37.99 -29.48 20.46
N GLN D 20 -38.62 -30.45 21.14
CA GLN D 20 -38.64 -31.82 20.64
C GLN D 20 -39.47 -31.93 19.37
N GLU D 21 -40.67 -31.36 19.41
CA GLU D 21 -41.56 -31.38 18.26
C GLU D 21 -40.98 -30.56 17.12
N ALA D 22 -40.33 -29.44 17.45
CA ALA D 22 -39.82 -28.54 16.43
C ALA D 22 -38.62 -29.15 15.70
N GLU D 23 -37.57 -29.49 16.44
CA GLU D 23 -36.39 -30.06 15.78
C GLU D 23 -36.72 -31.41 15.18
N GLN D 24 -37.43 -32.27 15.91
CA GLN D 24 -37.79 -33.58 15.37
C GLN D 24 -38.49 -33.42 14.02
N LEU D 25 -39.51 -32.56 13.98
CA LEU D 25 -40.15 -32.22 12.71
C LEU D 25 -39.09 -31.81 11.68
N LYS D 26 -38.15 -30.96 12.10
CA LYS D 26 -37.07 -30.57 11.22
C LYS D 26 -36.41 -31.80 10.61
N ASN D 27 -36.20 -32.84 11.43
CA ASN D 27 -35.68 -34.10 10.93
C ASN D 27 -36.60 -34.68 9.87
N GLN D 28 -37.92 -34.54 10.07
CA GLN D 28 -38.84 -35.04 9.06
C GLN D 28 -38.64 -34.34 7.73
N ILE D 29 -38.46 -33.02 7.78
CA ILE D 29 -38.21 -32.27 6.56
C ILE D 29 -36.90 -32.73 5.93
N ARG D 30 -35.88 -32.94 6.75
CA ARG D 30 -34.62 -33.51 6.27
C ARG D 30 -34.86 -34.81 5.51
N ASP D 31 -35.76 -35.64 6.03
CA ASP D 31 -36.04 -36.92 5.39
C ASP D 31 -36.61 -36.68 4.00
N ALA D 32 -37.59 -35.79 3.92
CA ALA D 32 -38.15 -35.40 2.62
C ALA D 32 -37.07 -34.87 1.69
N ARG D 33 -36.07 -34.18 2.24
CA ARG D 33 -35.02 -33.61 1.38
C ARG D 33 -34.12 -34.70 0.83
N LYS D 34 -33.54 -35.52 1.71
CA LYS D 34 -32.59 -36.52 1.27
C LYS D 34 -33.21 -37.61 0.42
N ALA D 35 -34.52 -37.85 0.54
CA ALA D 35 -35.11 -38.89 -0.29
C ALA D 35 -35.05 -38.49 -1.77
N CYS D 36 -35.10 -37.20 -2.06
CA CYS D 36 -35.07 -36.61 -3.40
C CYS D 36 -33.75 -36.79 -4.14
N ALA D 37 -32.74 -37.45 -3.57
CA ALA D 37 -31.38 -37.37 -4.07
C ALA D 37 -31.08 -38.31 -5.24
N ASP D 38 -32.10 -38.80 -5.97
CA ASP D 38 -31.92 -39.89 -6.93
C ASP D 38 -30.73 -39.72 -7.87
N ALA D 39 -30.35 -38.49 -8.19
CA ALA D 39 -29.13 -38.26 -8.96
C ALA D 39 -28.36 -37.08 -8.41
N THR D 40 -27.16 -36.88 -8.95
CA THR D 40 -26.32 -35.72 -8.63
C THR D 40 -25.79 -35.14 -9.93
N LEU D 41 -25.66 -33.82 -9.95
CA LEU D 41 -25.14 -33.14 -11.14
C LEU D 41 -23.75 -33.65 -11.51
N SER D 42 -22.93 -33.98 -10.52
CA SER D 42 -21.59 -34.46 -10.81
C SER D 42 -21.64 -35.82 -11.49
N GLN D 43 -22.61 -36.65 -11.10
CA GLN D 43 -22.76 -37.95 -11.73
C GLN D 43 -22.95 -37.80 -13.22
N ILE D 44 -23.78 -36.84 -13.63
CA ILE D 44 -24.10 -36.67 -15.04
C ILE D 44 -23.10 -35.80 -15.77
N THR D 45 -22.18 -35.12 -15.08
CA THR D 45 -21.26 -34.27 -15.82
C THR D 45 -20.11 -35.06 -16.43
N ASN D 46 -20.03 -36.36 -16.17
CA ASN D 46 -19.01 -37.18 -16.81
C ASN D 46 -19.11 -37.07 -18.32
N ASN D 47 -20.33 -37.08 -18.85
CA ASN D 47 -20.52 -37.08 -20.29
C ASN D 47 -20.19 -35.72 -20.88
N ILE D 48 -20.46 -34.66 -20.11
CA ILE D 48 -20.32 -33.30 -20.61
C ILE D 48 -18.89 -33.03 -21.06
N ASP D 49 -18.74 -32.51 -22.26
CA ASP D 49 -17.47 -31.95 -22.66
C ASP D 49 -17.15 -30.76 -21.76
N PRO D 50 -16.00 -30.75 -21.11
CA PRO D 50 -15.63 -29.60 -20.29
C PRO D 50 -15.16 -28.44 -21.16
N VAL D 51 -14.87 -27.33 -20.49
CA VAL D 51 -14.51 -26.09 -21.16
C VAL D 51 -13.05 -26.04 -21.57
N GLY D 52 -12.20 -26.86 -20.99
CA GLY D 52 -10.79 -26.72 -21.23
C GLY D 52 -10.29 -25.45 -20.55
N ARG D 53 -8.98 -25.25 -20.63
CA ARG D 53 -8.40 -24.06 -20.02
C ARG D 53 -8.80 -22.85 -20.86
N ILE D 54 -9.66 -22.01 -20.30
CA ILE D 54 -10.09 -20.78 -20.94
C ILE D 54 -10.11 -19.68 -19.88
N GLN D 55 -9.33 -18.64 -20.11
CA GLN D 55 -9.16 -17.57 -19.16
C GLN D 55 -9.62 -16.26 -19.77
N MET D 56 -9.77 -15.26 -18.91
CA MET D 56 -10.13 -13.92 -19.35
C MET D 56 -8.86 -13.09 -19.47
N ARG D 57 -9.01 -11.87 -19.97
CA ARG D 57 -7.91 -10.95 -20.11
C ARG D 57 -8.42 -9.58 -19.72
N THR D 58 -7.51 -8.68 -19.38
CA THR D 58 -7.90 -7.34 -18.95
C THR D 58 -8.15 -6.49 -20.18
N ARG D 59 -9.41 -6.23 -20.47
CA ARG D 59 -9.69 -5.33 -21.58
C ARG D 59 -9.74 -3.87 -21.17
N ARG D 60 -9.95 -3.61 -19.89
CA ARG D 60 -10.03 -2.24 -19.42
C ARG D 60 -9.33 -2.16 -18.07
N THR D 61 -8.62 -1.08 -17.84
CA THR D 61 -8.08 -0.75 -16.53
C THR D 61 -8.70 0.58 -16.15
N LEU D 62 -9.55 0.56 -15.15
CA LEU D 62 -10.29 1.75 -14.75
C LEU D 62 -9.61 2.36 -13.53
N ARG D 63 -9.02 3.52 -13.73
CA ARG D 63 -8.38 4.30 -12.70
C ARG D 63 -9.26 5.53 -12.52
N GLY D 64 -10.24 5.41 -11.63
CA GLY D 64 -10.96 6.60 -11.25
C GLY D 64 -11.21 6.86 -9.78
N HIS D 65 -10.87 5.92 -8.90
CA HIS D 65 -11.36 6.01 -7.54
C HIS D 65 -10.25 6.35 -6.55
N LEU D 66 -10.61 7.20 -5.59
CA LEU D 66 -9.69 7.61 -4.54
C LEU D 66 -9.60 6.57 -3.44
N ALA D 67 -10.70 5.94 -3.13
CA ALA D 67 -10.76 4.96 -2.07
C ALA D 67 -11.12 3.60 -2.66
N LYS D 68 -11.24 2.63 -1.77
CA LYS D 68 -11.51 1.28 -2.21
C LYS D 68 -12.94 1.15 -2.74
N ILE D 69 -13.05 0.50 -3.90
CA ILE D 69 -14.33 0.26 -4.56
C ILE D 69 -15.04 -0.87 -3.85
N TYR D 70 -16.25 -0.62 -3.37
CA TYR D 70 -16.86 -1.70 -2.59
C TYR D 70 -17.95 -2.47 -3.31
N ALA D 71 -18.45 -1.99 -4.44
CA ALA D 71 -19.60 -2.65 -5.03
C ALA D 71 -19.80 -2.13 -6.44
N MET D 72 -20.56 -2.89 -7.22
CA MET D 72 -20.81 -2.52 -8.60
C MET D 72 -22.18 -3.02 -9.00
N HIS D 73 -22.58 -2.60 -10.19
CA HIS D 73 -23.80 -3.07 -10.82
C HIS D 73 -23.71 -2.73 -12.29
N TRP D 74 -24.33 -3.55 -13.11
CA TRP D 74 -24.41 -3.26 -14.53
C TRP D 74 -25.61 -2.40 -14.83
N GLY D 75 -25.45 -1.50 -15.79
CA GLY D 75 -26.60 -0.86 -16.37
C GLY D 75 -27.30 -1.81 -17.33
N THR D 76 -28.63 -1.69 -17.38
CA THR D 76 -29.39 -2.62 -18.19
C THR D 76 -29.02 -2.55 -19.66
N ASP D 77 -28.32 -1.51 -20.08
CA ASP D 77 -27.91 -1.39 -21.46
C ASP D 77 -26.69 -2.23 -21.79
N SER D 78 -26.09 -2.90 -20.80
CA SER D 78 -24.85 -3.65 -20.94
C SER D 78 -23.70 -2.72 -21.30
N ARG D 79 -23.96 -1.41 -21.35
CA ARG D 79 -22.99 -0.38 -21.64
C ARG D 79 -22.48 0.21 -20.34
N LEU D 80 -23.35 0.92 -19.66
CA LEU D 80 -22.97 1.60 -18.43
C LEU D 80 -22.72 0.60 -17.32
N LEU D 81 -21.96 1.02 -16.31
CA LEU D 81 -21.94 0.29 -15.05
C LEU D 81 -21.68 1.25 -13.91
N VAL D 82 -22.30 0.97 -12.78
CA VAL D 82 -22.29 1.85 -11.63
C VAL D 82 -21.30 1.32 -10.61
N SER D 83 -20.56 2.23 -9.97
CA SER D 83 -19.56 1.86 -8.97
C SER D 83 -19.69 2.77 -7.77
N ALA D 84 -19.59 2.18 -6.58
CA ALA D 84 -19.62 2.93 -5.34
C ALA D 84 -18.26 2.86 -4.66
N SER D 85 -17.85 3.98 -4.08
CA SER D 85 -16.54 4.04 -3.47
C SER D 85 -16.65 4.37 -1.99
N GLN D 86 -15.75 3.80 -1.21
CA GLN D 86 -15.82 3.97 0.24
C GLN D 86 -15.61 5.40 0.68
N ASP D 87 -15.18 6.26 -0.23
CA ASP D 87 -14.91 7.65 0.07
C ASP D 87 -16.16 8.52 0.06
N GLY D 88 -17.33 7.95 -0.18
CA GLY D 88 -18.51 8.76 -0.30
C GLY D 88 -18.80 9.25 -1.70
N LYS D 89 -18.01 8.85 -2.68
CA LYS D 89 -18.31 9.19 -4.05
C LYS D 89 -19.00 8.03 -4.72
N LEU D 90 -20.02 8.34 -5.50
CA LEU D 90 -20.77 7.36 -6.29
C LEU D 90 -20.59 7.71 -7.75
N ILE D 91 -19.87 6.87 -8.48
CA ILE D 91 -19.45 7.20 -9.84
C ILE D 91 -20.15 6.29 -10.82
N ILE D 92 -20.74 6.90 -11.84
CA ILE D 92 -21.43 6.20 -12.92
C ILE D 92 -20.51 6.16 -14.12
N TRP D 93 -20.05 4.95 -14.45
CA TRP D 93 -19.01 4.71 -15.43
C TRP D 93 -19.55 4.25 -16.78
N ASP D 94 -18.69 4.38 -17.79
CA ASP D 94 -18.97 4.06 -19.18
C ASP D 94 -17.93 3.09 -19.69
N SER D 95 -18.36 1.87 -20.00
CA SER D 95 -17.42 0.82 -20.39
C SER D 95 -16.65 1.20 -21.64
N TYR D 96 -17.36 1.61 -22.69
CA TYR D 96 -16.72 1.83 -23.97
C TYR D 96 -15.74 2.99 -23.93
N THR D 97 -16.22 4.19 -23.62
CA THR D 97 -15.39 5.38 -23.69
C THR D 97 -14.53 5.57 -22.46
N THR D 98 -14.61 4.63 -21.51
CA THR D 98 -13.86 4.61 -20.25
C THR D 98 -13.83 5.95 -19.54
N ASN D 99 -14.85 6.77 -19.74
CA ASN D 99 -14.98 8.03 -19.03
C ASN D 99 -15.97 7.85 -17.89
N LYS D 100 -16.28 8.95 -17.22
CA LYS D 100 -17.20 8.94 -16.09
C LYS D 100 -18.52 9.55 -16.52
N VAL D 101 -19.58 8.75 -16.49
CA VAL D 101 -20.85 9.25 -16.99
C VAL D 101 -21.44 10.26 -16.02
N HIS D 102 -21.32 10.00 -14.72
CA HIS D 102 -21.80 10.96 -13.74
C HIS D 102 -21.02 10.79 -12.45
N ALA D 103 -20.92 11.86 -11.67
CA ALA D 103 -20.24 11.84 -10.38
C ALA D 103 -21.13 12.41 -9.29
N ILE D 104 -21.49 11.59 -8.31
CA ILE D 104 -22.45 11.97 -7.29
C ILE D 104 -21.78 11.98 -5.91
N PRO D 105 -21.75 13.12 -5.23
CA PRO D 105 -21.34 13.13 -3.82
C PRO D 105 -22.41 12.51 -2.93
N LEU D 106 -21.98 11.58 -2.09
CA LEU D 106 -22.90 10.95 -1.16
C LEU D 106 -23.10 11.81 0.08
N ARG D 107 -24.24 11.62 0.74
CA ARG D 107 -24.43 12.23 2.05
C ARG D 107 -23.56 11.54 3.08
N SER D 108 -23.61 10.22 3.10
CA SER D 108 -22.81 9.39 3.99
C SER D 108 -21.59 8.88 3.25
N SER D 109 -20.41 9.08 3.84
CA SER D 109 -19.19 8.63 3.19
C SER D 109 -19.16 7.11 3.01
N TRP D 110 -19.80 6.35 3.88
CA TRP D 110 -19.73 4.90 3.80
C TRP D 110 -20.89 4.35 2.98
N VAL D 111 -20.55 3.70 1.88
CA VAL D 111 -21.52 3.11 0.97
C VAL D 111 -21.18 1.63 0.81
N MET D 112 -22.09 0.76 1.17
CA MET D 112 -21.81 -0.65 1.06
C MET D 112 -22.37 -1.27 -0.19
N THR D 113 -23.10 -0.51 -1.02
CA THR D 113 -23.67 -1.09 -2.23
C THR D 113 -24.42 -0.03 -3.03
N CYS D 114 -24.65 -0.35 -4.29
CA CYS D 114 -25.43 0.51 -5.16
C CYS D 114 -25.91 -0.30 -6.35
N ALA D 115 -26.97 0.18 -6.97
CA ALA D 115 -27.58 -0.55 -8.07
C ALA D 115 -28.20 0.42 -9.06
N TYR D 116 -28.40 -0.07 -10.26
CA TYR D 116 -28.84 0.68 -11.42
C TYR D 116 -30.26 0.26 -11.80
N ALA D 117 -31.12 1.25 -12.02
CA ALA D 117 -32.53 0.99 -12.29
C ALA D 117 -32.71 0.18 -13.56
N PRO D 118 -33.83 -0.54 -13.69
CA PRO D 118 -34.06 -1.29 -14.92
C PRO D 118 -34.19 -0.39 -16.12
N SER D 119 -34.72 0.80 -15.92
CA SER D 119 -34.82 1.82 -16.95
C SER D 119 -33.69 2.82 -16.91
N GLY D 120 -32.79 2.71 -15.93
CA GLY D 120 -31.81 3.75 -15.80
C GLY D 120 -32.35 5.06 -15.29
N ASN D 121 -33.58 5.10 -14.81
CA ASN D 121 -34.09 6.36 -14.27
C ASN D 121 -33.40 6.67 -12.96
N TYR D 122 -33.29 5.68 -12.10
CA TYR D 122 -32.79 5.87 -10.77
C TYR D 122 -31.56 4.99 -10.53
N VAL D 123 -30.82 5.31 -9.49
CA VAL D 123 -29.73 4.50 -8.99
C VAL D 123 -29.72 4.63 -7.48
N ALA D 124 -29.63 3.51 -6.79
CA ALA D 124 -29.69 3.52 -5.34
C ALA D 124 -28.35 3.14 -4.76
N CYS D 125 -28.07 3.60 -3.55
CA CYS D 125 -26.91 3.13 -2.82
C CYS D 125 -27.26 3.04 -1.35
N GLY D 126 -26.32 2.53 -0.56
CA GLY D 126 -26.59 2.31 0.84
C GLY D 126 -25.40 1.69 1.54
N GLY D 127 -25.48 1.70 2.86
CA GLY D 127 -24.35 1.36 3.71
C GLY D 127 -24.71 1.59 5.16
N LEU D 128 -23.68 1.88 5.95
CA LEU D 128 -23.88 2.05 7.39
C LEU D 128 -24.82 3.20 7.73
N ASP D 129 -25.20 4.00 6.75
CA ASP D 129 -26.04 5.16 6.98
C ASP D 129 -27.48 4.81 7.34
N ASN D 130 -27.86 3.55 7.26
CA ASN D 130 -29.21 3.10 7.65
C ASN D 130 -30.29 3.69 6.76
N ILE D 131 -29.93 4.20 5.59
CA ILE D 131 -30.87 4.87 4.71
C ILE D 131 -30.61 4.41 3.29
N CYS D 132 -31.66 4.29 2.51
CA CYS D 132 -31.56 3.90 1.11
C CYS D 132 -31.59 5.16 0.25
N SER D 133 -30.48 5.46 -0.39
CA SER D 133 -30.35 6.69 -1.16
C SER D 133 -30.75 6.44 -2.61
N ILE D 134 -31.85 7.06 -3.03
CA ILE D 134 -32.33 6.99 -4.39
C ILE D 134 -31.95 8.27 -5.09
N TYR D 135 -31.20 8.15 -6.18
CA TYR D 135 -30.78 9.26 -7.01
C TYR D 135 -31.41 9.14 -8.39
N ASN D 136 -32.00 10.23 -8.87
CA ASN D 136 -32.61 10.23 -10.18
C ASN D 136 -31.60 10.67 -11.24
N LEU D 137 -31.50 9.90 -12.32
CA LEU D 137 -30.73 10.33 -13.48
C LEU D 137 -31.50 11.27 -14.37
N LYS D 138 -32.81 11.42 -14.16
CA LYS D 138 -33.66 12.23 -15.01
C LYS D 138 -33.84 13.66 -14.51
N THR D 139 -33.04 14.10 -13.53
CA THR D 139 -33.27 15.41 -12.91
C THR D 139 -33.41 16.50 -13.97
N ARG D 140 -34.59 17.11 -14.00
CA ARG D 140 -34.87 18.11 -15.02
C ARG D 140 -34.28 19.46 -14.65
N GLU D 141 -34.39 19.83 -13.38
CA GLU D 141 -33.85 21.11 -12.95
C GLU D 141 -32.33 21.17 -13.06
N GLY D 142 -31.66 20.02 -13.12
CA GLY D 142 -30.21 20.06 -13.13
C GLY D 142 -29.59 18.70 -13.02
N ASN D 143 -28.38 18.67 -12.47
CA ASN D 143 -27.58 17.46 -12.37
C ASN D 143 -28.20 16.48 -11.41
N VAL D 144 -27.45 15.42 -11.11
CA VAL D 144 -27.94 14.34 -10.28
C VAL D 144 -28.03 14.81 -8.85
N ARG D 145 -29.25 14.77 -8.29
CA ARG D 145 -29.53 15.19 -6.92
C ARG D 145 -30.27 14.06 -6.21
N VAL D 146 -30.31 14.16 -4.89
CA VAL D 146 -31.08 13.20 -4.10
C VAL D 146 -32.53 13.24 -4.55
N SER D 147 -33.03 12.11 -5.05
CA SER D 147 -34.43 12.03 -5.43
C SER D 147 -35.29 11.60 -4.24
N ARG D 148 -35.05 10.40 -3.73
CA ARG D 148 -35.88 9.91 -2.63
C ARG D 148 -35.06 9.06 -1.68
N GLU D 149 -35.17 9.32 -0.39
CA GLU D 149 -34.49 8.53 0.63
C GLU D 149 -35.50 7.64 1.33
N LEU D 150 -35.20 6.36 1.42
CA LEU D 150 -36.06 5.41 2.12
C LEU D 150 -35.35 5.00 3.39
N ALA D 151 -35.83 5.52 4.52
CA ALA D 151 -35.30 5.13 5.83
C ALA D 151 -36.43 4.49 6.62
N GLY D 152 -36.44 3.16 6.64
CA GLY D 152 -37.28 2.41 7.54
C GLY D 152 -36.48 1.39 8.32
N HIS D 153 -35.16 1.45 8.17
CA HIS D 153 -34.32 0.34 8.55
C HIS D 153 -33.80 0.49 9.97
N THR D 154 -33.85 -0.61 10.70
CA THR D 154 -33.29 -0.68 12.03
C THR D 154 -31.84 -1.14 12.01
N GLY D 155 -31.27 -1.32 10.82
CA GLY D 155 -29.91 -1.76 10.67
C GLY D 155 -29.29 -1.11 9.45
N TYR D 156 -28.01 -1.36 9.26
CA TYR D 156 -27.31 -0.74 8.14
C TYR D 156 -27.87 -1.25 6.83
N LEU D 157 -27.61 -0.48 5.77
CA LEU D 157 -28.12 -0.82 4.44
C LEU D 157 -27.11 -1.70 3.72
N SER D 158 -27.42 -3.00 3.60
CA SER D 158 -26.44 -3.94 3.09
C SER D 158 -26.44 -4.02 1.58
N CYS D 159 -27.59 -4.08 0.95
CA CYS D 159 -27.65 -4.31 -0.48
C CYS D 159 -29.02 -3.92 -0.98
N CYS D 160 -29.14 -3.87 -2.30
CA CYS D 160 -30.44 -3.62 -2.93
C CYS D 160 -30.30 -3.85 -4.41
N ARG D 161 -31.44 -4.14 -5.03
CA ARG D 161 -31.54 -4.36 -6.46
C ARG D 161 -32.95 -3.95 -6.86
N PHE D 162 -33.10 -3.45 -8.07
CA PHE D 162 -34.37 -2.90 -8.53
C PHE D 162 -35.31 -3.97 -9.06
N LEU D 163 -36.55 -3.94 -8.59
CA LEU D 163 -37.63 -4.60 -9.31
C LEU D 163 -38.08 -3.77 -10.50
N ASP D 164 -38.19 -2.47 -10.30
CA ASP D 164 -38.70 -1.54 -11.29
C ASP D 164 -38.23 -0.15 -10.88
N ASP D 165 -38.82 0.87 -11.49
CA ASP D 165 -38.49 2.21 -11.08
C ASP D 165 -39.18 2.61 -9.78
N ASN D 166 -40.15 1.82 -9.33
CA ASN D 166 -40.97 2.18 -8.19
C ASN D 166 -40.65 1.35 -6.95
N GLN D 167 -40.84 0.04 -7.04
CA GLN D 167 -40.71 -0.84 -5.90
C GLN D 167 -39.38 -1.56 -5.95
N ILE D 168 -38.73 -1.67 -4.80
CA ILE D 168 -37.36 -2.15 -4.79
C ILE D 168 -37.09 -2.86 -3.48
N VAL D 169 -36.34 -3.92 -3.57
CA VAL D 169 -35.95 -4.75 -2.45
C VAL D 169 -34.68 -4.21 -1.84
N THR D 170 -34.59 -4.25 -0.53
CA THR D 170 -33.37 -3.94 0.19
C THR D 170 -33.14 -5.00 1.25
N SER D 171 -31.88 -5.19 1.57
CA SER D 171 -31.47 -6.06 2.66
C SER D 171 -30.67 -5.25 3.66
N SER D 172 -30.72 -5.68 4.91
CA SER D 172 -30.15 -4.90 5.99
C SER D 172 -29.68 -5.81 7.09
N GLY D 173 -28.75 -5.32 7.88
CA GLY D 173 -28.37 -6.05 9.06
C GLY D 173 -29.44 -6.10 10.11
N ASP D 174 -30.57 -5.46 9.86
CA ASP D 174 -31.68 -5.56 10.78
C ASP D 174 -32.22 -6.98 10.84
N THR D 175 -31.64 -7.89 10.07
CA THR D 175 -31.90 -9.31 10.00
C THR D 175 -33.08 -9.56 9.06
N THR D 176 -33.76 -8.51 8.61
CA THR D 176 -34.96 -8.61 7.79
C THR D 176 -34.73 -7.95 6.44
N CYS D 177 -35.52 -8.36 5.46
CA CYS D 177 -35.48 -7.77 4.14
C CYS D 177 -36.74 -6.96 3.93
N ALA D 178 -36.71 -6.07 2.95
CA ALA D 178 -37.85 -5.17 2.77
C ALA D 178 -38.15 -4.93 1.31
N LEU D 179 -39.44 -4.95 0.98
CA LEU D 179 -39.94 -4.46 -0.30
C LEU D 179 -40.55 -3.08 -0.09
N TRP D 180 -39.95 -2.08 -0.73
CA TRP D 180 -40.30 -0.66 -0.64
C TRP D 180 -40.98 -0.15 -1.90
N ASP D 181 -41.61 1.02 -1.75
CA ASP D 181 -42.15 1.79 -2.88
C ASP D 181 -41.75 3.25 -2.69
N ILE D 182 -41.07 3.79 -3.71
CA ILE D 182 -40.46 5.11 -3.61
C ILE D 182 -41.48 6.21 -3.34
N GLU D 183 -42.55 6.25 -4.14
CA GLU D 183 -43.44 7.42 -4.13
C GLU D 183 -44.05 7.64 -2.76
N THR D 184 -44.63 6.59 -2.18
CA THR D 184 -45.17 6.72 -0.84
C THR D 184 -44.06 6.88 0.19
N GLY D 185 -42.87 6.35 -0.11
CA GLY D 185 -41.81 6.41 0.86
C GLY D 185 -41.89 5.33 1.91
N GLN D 186 -42.82 4.39 1.76
CA GLN D 186 -43.04 3.31 2.70
C GLN D 186 -42.69 1.99 2.04
N GLN D 187 -42.74 0.93 2.84
CA GLN D 187 -42.49 -0.42 2.35
C GLN D 187 -43.80 -1.07 1.97
N THR D 188 -43.84 -1.68 0.79
CA THR D 188 -45.00 -2.45 0.44
C THR D 188 -45.16 -3.63 1.38
N THR D 189 -44.06 -4.29 1.71
CA THR D 189 -44.13 -5.40 2.65
C THR D 189 -42.73 -5.67 3.20
N THR D 190 -42.69 -6.32 4.37
CA THR D 190 -41.44 -6.60 5.05
C THR D 190 -41.29 -8.09 5.32
N PHE D 191 -40.18 -8.65 4.91
CA PHE D 191 -39.91 -10.08 5.01
C PHE D 191 -38.98 -10.35 6.18
N THR D 192 -39.35 -11.29 7.03
CA THR D 192 -38.55 -11.57 8.21
C THR D 192 -38.41 -13.07 8.38
N GLY D 193 -37.52 -13.48 9.27
CA GLY D 193 -37.31 -14.89 9.55
C GLY D 193 -35.90 -15.42 9.34
N HIS D 194 -34.97 -14.67 8.75
CA HIS D 194 -33.58 -15.06 8.92
C HIS D 194 -33.10 -14.78 10.34
N THR D 195 -32.03 -15.45 10.72
CA THR D 195 -31.43 -15.31 12.03
C THR D 195 -30.25 -14.35 12.03
N GLY D 196 -29.94 -13.70 10.91
CA GLY D 196 -28.81 -12.79 10.91
C GLY D 196 -28.94 -11.71 9.85
N ASP D 197 -27.88 -10.91 9.75
CA ASP D 197 -27.83 -9.86 8.74
C ASP D 197 -27.99 -10.46 7.36
N VAL D 198 -28.76 -9.79 6.51
CA VAL D 198 -28.94 -10.26 5.15
C VAL D 198 -27.86 -9.61 4.32
N MET D 199 -26.82 -10.38 4.00
CA MET D 199 -25.64 -9.78 3.40
C MET D 199 -25.73 -9.65 1.90
N SER D 200 -26.50 -10.53 1.25
CA SER D 200 -26.49 -10.55 -0.19
C SER D 200 -27.85 -10.96 -0.70
N LEU D 201 -28.14 -10.51 -1.92
CA LEU D 201 -29.38 -10.84 -2.57
C LEU D 201 -29.17 -10.80 -4.07
N SER D 202 -30.04 -11.47 -4.79
CA SER D 202 -30.08 -11.40 -6.23
C SER D 202 -31.53 -11.49 -6.65
N LEU D 203 -31.98 -10.55 -7.47
CA LEU D 203 -33.37 -10.64 -7.84
C LEU D 203 -33.58 -11.59 -9.00
N ALA D 204 -34.78 -11.88 -9.23
CA ALA D 204 -35.04 -12.75 -10.36
C ALA D 204 -35.34 -11.92 -11.60
N PRO D 205 -35.01 -12.46 -12.77
CA PRO D 205 -35.45 -11.83 -14.02
C PRO D 205 -36.96 -11.64 -14.11
N ASP D 206 -37.74 -12.57 -13.56
CA ASP D 206 -39.18 -12.46 -13.59
C ASP D 206 -39.74 -11.80 -12.33
N THR D 207 -38.86 -11.49 -11.38
CA THR D 207 -39.22 -10.75 -10.17
C THR D 207 -40.43 -11.36 -9.45
N ARG D 208 -40.60 -12.67 -9.59
CA ARG D 208 -41.66 -13.34 -8.84
C ARG D 208 -41.21 -13.60 -7.42
N LEU D 209 -39.93 -13.89 -7.27
CA LEU D 209 -39.37 -14.34 -6.02
C LEU D 209 -37.90 -13.95 -6.01
N PHE D 210 -37.29 -14.04 -4.83
CA PHE D 210 -35.90 -13.63 -4.73
C PHE D 210 -35.20 -14.49 -3.70
N VAL D 211 -33.92 -14.73 -3.95
CA VAL D 211 -33.09 -15.41 -2.98
C VAL D 211 -32.45 -14.36 -2.10
N SER D 212 -31.89 -14.80 -0.98
CA SER D 212 -31.12 -13.91 -0.14
C SER D 212 -30.21 -14.76 0.73
N GLY D 213 -28.96 -14.34 0.83
CA GLY D 213 -28.02 -14.92 1.77
C GLY D 213 -27.89 -14.06 3.01
N ALA D 214 -27.58 -14.71 4.12
CA ALA D 214 -27.55 -14.01 5.38
C ALA D 214 -26.43 -14.60 6.23
N CYS D 215 -26.37 -14.17 7.48
CA CYS D 215 -25.36 -14.62 8.40
C CYS D 215 -25.79 -15.83 9.21
N ASP D 216 -26.96 -16.39 8.94
CA ASP D 216 -27.38 -17.63 9.57
C ASP D 216 -26.98 -18.87 8.77
N ALA D 217 -26.12 -18.71 7.77
CA ALA D 217 -25.59 -19.82 6.99
C ALA D 217 -26.68 -20.56 6.24
N SER D 218 -27.72 -19.83 5.85
CA SER D 218 -28.84 -20.41 5.13
C SER D 218 -29.29 -19.45 4.04
N ALA D 219 -29.62 -20.00 2.89
CA ALA D 219 -30.09 -19.22 1.76
C ALA D 219 -31.59 -19.39 1.66
N LYS D 220 -32.31 -18.28 1.57
CA LYS D 220 -33.75 -18.37 1.56
C LYS D 220 -34.32 -17.85 0.25
N LEU D 221 -35.42 -18.48 -0.16
CA LEU D 221 -36.21 -18.05 -1.29
C LEU D 221 -37.52 -17.51 -0.76
N TRP D 222 -37.73 -16.22 -0.97
CA TRP D 222 -38.92 -15.52 -0.56
C TRP D 222 -39.72 -15.22 -1.81
N ASP D 223 -40.96 -14.79 -1.62
CA ASP D 223 -41.84 -14.47 -2.71
C ASP D 223 -42.16 -12.98 -2.62
N VAL D 224 -41.93 -12.26 -3.72
CA VAL D 224 -41.97 -10.81 -3.67
C VAL D 224 -43.36 -10.34 -3.28
N ARG D 225 -44.37 -10.95 -3.89
CA ARG D 225 -45.76 -10.57 -3.71
C ARG D 225 -46.36 -11.12 -2.42
N GLU D 226 -46.21 -12.43 -2.19
CA GLU D 226 -46.91 -13.08 -1.09
C GLU D 226 -46.48 -12.54 0.27
N GLY D 227 -45.18 -12.29 0.44
CA GLY D 227 -44.71 -11.90 1.75
C GLY D 227 -44.43 -13.07 2.65
N MET D 228 -44.24 -14.25 2.08
CA MET D 228 -44.00 -15.45 2.84
C MET D 228 -42.61 -15.98 2.55
N CYS D 229 -42.08 -16.74 3.49
CA CYS D 229 -40.85 -17.49 3.24
C CYS D 229 -41.26 -18.73 2.45
N ARG D 230 -40.84 -18.82 1.19
CA ARG D 230 -41.23 -20.01 0.47
C ARG D 230 -40.34 -21.19 0.84
N GLN D 231 -39.03 -21.00 0.81
CA GLN D 231 -38.15 -22.14 1.00
C GLN D 231 -36.90 -21.71 1.74
N THR D 232 -36.40 -22.59 2.57
CA THR D 232 -35.13 -22.38 3.27
C THR D 232 -34.19 -23.51 2.91
N PHE D 233 -33.05 -23.16 2.32
CA PHE D 233 -32.03 -24.12 1.94
C PHE D 233 -30.81 -23.91 2.82
N THR D 234 -30.35 -24.99 3.47
CA THR D 234 -29.15 -24.95 4.28
C THR D 234 -28.22 -26.06 3.80
N GLY D 235 -27.21 -25.69 3.03
CA GLY D 235 -26.12 -26.59 2.73
C GLY D 235 -24.81 -26.05 3.23
N HIS D 236 -24.82 -24.77 3.62
CA HIS D 236 -23.58 -24.03 3.74
C HIS D 236 -22.80 -24.41 4.98
N GLU D 237 -21.49 -24.31 4.84
CA GLU D 237 -20.58 -24.55 5.93
C GLU D 237 -20.43 -23.31 6.80
N SER D 238 -20.45 -22.12 6.20
CA SER D 238 -20.21 -20.89 6.93
C SER D 238 -21.19 -19.81 6.47
N ASP D 239 -20.89 -18.56 6.85
CA ASP D 239 -21.69 -17.42 6.46
C ASP D 239 -21.79 -17.29 4.94
N ILE D 240 -22.92 -16.75 4.48
CA ILE D 240 -23.18 -16.52 3.07
C ILE D 240 -22.79 -15.10 2.69
N ASN D 241 -21.74 -14.95 1.88
CA ASN D 241 -21.33 -13.59 1.52
C ASN D 241 -22.13 -13.05 0.36
N ALA D 242 -22.21 -13.80 -0.74
CA ALA D 242 -22.83 -13.31 -1.96
C ALA D 242 -23.60 -14.44 -2.62
N ILE D 243 -24.68 -14.07 -3.30
CA ILE D 243 -25.57 -15.07 -3.87
C ILE D 243 -26.18 -14.52 -5.15
N CYS D 244 -26.28 -15.36 -6.17
CA CYS D 244 -26.81 -14.92 -7.44
C CYS D 244 -27.71 -15.99 -8.03
N PHE D 245 -28.91 -15.59 -8.45
CA PHE D 245 -29.87 -16.51 -9.04
C PHE D 245 -29.45 -16.88 -10.45
N PHE D 246 -29.86 -18.06 -10.88
CA PHE D 246 -29.50 -18.48 -12.22
C PHE D 246 -30.31 -17.70 -13.25
N PRO D 247 -29.71 -17.41 -14.42
CA PRO D 247 -30.41 -16.58 -15.41
C PRO D 247 -31.84 -17.00 -15.71
N ASN D 248 -32.11 -18.29 -15.84
CA ASN D 248 -33.47 -18.71 -16.18
C ASN D 248 -34.42 -18.60 -15.00
N GLY D 249 -33.91 -18.46 -13.79
CA GLY D 249 -34.73 -18.34 -12.61
C GLY D 249 -34.92 -19.64 -11.89
N ASN D 250 -34.44 -20.74 -12.47
CA ASN D 250 -34.70 -22.05 -11.94
C ASN D 250 -33.64 -22.54 -10.97
N ALA D 251 -32.49 -21.87 -10.89
CA ALA D 251 -31.43 -22.30 -9.99
C ALA D 251 -30.73 -21.07 -9.42
N PHE D 252 -29.76 -21.29 -8.54
CA PHE D 252 -28.98 -20.17 -8.05
C PHE D 252 -27.67 -20.63 -7.44
N ALA D 253 -26.72 -19.71 -7.42
CA ALA D 253 -25.37 -19.93 -6.96
C ALA D 253 -25.11 -19.13 -5.69
N THR D 254 -24.22 -19.65 -4.87
CA THR D 254 -23.97 -19.11 -3.54
C THR D 254 -22.47 -18.97 -3.29
N GLY D 255 -22.06 -17.76 -2.91
CA GLY D 255 -20.75 -17.54 -2.33
C GLY D 255 -20.86 -17.47 -0.82
N SER D 256 -19.83 -17.96 -0.13
CA SER D 256 -19.92 -18.04 1.32
C SER D 256 -18.54 -17.87 1.93
N ASP D 257 -18.50 -17.80 3.26
CA ASP D 257 -17.24 -17.82 3.99
C ASP D 257 -16.69 -19.22 4.13
N ASP D 258 -17.47 -20.23 3.76
CA ASP D 258 -17.00 -21.60 3.78
C ASP D 258 -15.83 -21.85 2.86
N ALA D 259 -15.45 -20.85 2.07
CA ALA D 259 -14.42 -21.02 1.05
C ALA D 259 -14.86 -22.02 0.00
N THR D 260 -16.17 -22.15 -0.19
CA THR D 260 -16.74 -23.02 -1.21
C THR D 260 -17.87 -22.26 -1.87
N CYS D 261 -17.92 -22.29 -3.20
CA CYS D 261 -19.09 -21.81 -3.91
C CYS D 261 -20.01 -22.99 -4.10
N ARG D 262 -21.29 -22.79 -3.92
CA ARG D 262 -22.21 -23.92 -3.94
C ARG D 262 -23.40 -23.61 -4.83
N LEU D 263 -23.86 -24.64 -5.52
CA LEU D 263 -24.99 -24.50 -6.42
C LEU D 263 -26.20 -25.18 -5.82
N PHE D 264 -27.31 -24.42 -5.70
CA PHE D 264 -28.58 -24.91 -5.20
C PHE D 264 -29.70 -24.64 -6.18
N ASP D 265 -30.62 -25.60 -6.30
CA ASP D 265 -31.83 -25.45 -7.07
C ASP D 265 -33.01 -25.10 -6.18
N LEU D 266 -33.84 -24.17 -6.67
CA LEU D 266 -35.11 -23.88 -6.01
C LEU D 266 -36.07 -25.04 -6.17
N ARG D 267 -36.23 -25.51 -7.40
CA ARG D 267 -37.17 -26.56 -7.72
C ARG D 267 -36.72 -27.92 -7.19
N ALA D 268 -35.41 -28.16 -7.08
CA ALA D 268 -34.93 -29.43 -6.54
C ALA D 268 -34.86 -29.45 -5.03
N ASP D 269 -34.90 -28.28 -4.38
CA ASP D 269 -35.06 -28.18 -2.93
C ASP D 269 -33.96 -28.91 -2.15
N GLN D 270 -32.75 -29.00 -2.71
CA GLN D 270 -31.63 -29.57 -1.97
C GLN D 270 -30.34 -29.21 -2.68
N GLU D 271 -29.24 -29.56 -2.03
CA GLU D 271 -27.92 -29.22 -2.53
C GLU D 271 -27.68 -29.83 -3.90
N LEU D 272 -27.34 -28.99 -4.86
CA LEU D 272 -26.93 -29.55 -6.15
C LEU D 272 -25.45 -29.88 -6.15
N MET D 273 -24.61 -28.94 -5.71
CA MET D 273 -23.20 -29.23 -5.91
C MET D 273 -22.34 -28.32 -5.03
N THR D 274 -21.14 -28.81 -4.72
CA THR D 274 -20.15 -28.13 -3.91
C THR D 274 -18.86 -27.90 -4.69
N TYR D 275 -18.40 -26.66 -4.71
CA TYR D 275 -17.11 -26.26 -5.27
C TYR D 275 -16.22 -25.78 -4.13
N SER D 276 -15.12 -26.48 -3.91
CA SER D 276 -14.17 -26.08 -2.89
C SER D 276 -12.78 -26.37 -3.41
N HIS D 277 -11.79 -26.05 -2.60
CA HIS D 277 -10.43 -26.39 -2.97
C HIS D 277 -9.60 -26.58 -1.73
N ASP D 278 -8.67 -27.52 -1.81
CA ASP D 278 -7.84 -27.86 -0.69
C ASP D 278 -6.81 -26.80 -0.38
N ASN D 279 -6.57 -25.87 -1.29
CA ASN D 279 -5.57 -24.84 -1.09
C ASN D 279 -6.15 -23.48 -0.72
N ILE D 280 -7.46 -23.36 -0.56
CA ILE D 280 -8.08 -22.07 -0.36
C ILE D 280 -8.62 -22.02 1.06
N ILE D 281 -8.02 -21.14 1.87
CA ILE D 281 -8.53 -20.84 3.20
C ILE D 281 -9.34 -19.55 3.22
N CYS D 282 -9.46 -18.88 2.08
CA CYS D 282 -10.10 -17.57 2.02
C CYS D 282 -11.53 -17.70 1.53
N GLY D 283 -12.40 -16.87 2.08
CA GLY D 283 -13.81 -16.88 1.74
C GLY D 283 -14.09 -16.39 0.32
N ILE D 284 -15.34 -16.58 -0.08
CA ILE D 284 -15.83 -16.09 -1.37
C ILE D 284 -16.43 -14.72 -1.14
N THR D 285 -15.93 -13.75 -1.88
CA THR D 285 -16.45 -12.39 -1.73
C THR D 285 -17.70 -12.19 -2.56
N SER D 286 -17.69 -12.66 -3.80
CA SER D 286 -18.78 -12.36 -4.71
C SER D 286 -18.88 -13.46 -5.75
N VAL D 287 -20.05 -13.55 -6.38
CA VAL D 287 -20.31 -14.57 -7.39
C VAL D 287 -21.14 -13.96 -8.51
N SER D 288 -21.15 -14.67 -9.64
CA SER D 288 -21.84 -14.21 -10.83
C SER D 288 -21.81 -15.32 -11.87
N PHE D 289 -22.74 -15.24 -12.80
CA PHE D 289 -22.94 -16.30 -13.77
C PHE D 289 -22.35 -15.96 -15.13
N SER D 290 -22.43 -16.93 -16.02
CA SER D 290 -22.15 -16.80 -17.44
C SER D 290 -23.48 -16.79 -18.19
N LYS D 291 -23.39 -16.56 -19.50
CA LYS D 291 -24.58 -16.51 -20.33
C LYS D 291 -25.43 -17.77 -20.14
N SER D 292 -24.81 -18.93 -20.39
CA SER D 292 -25.49 -20.21 -20.29
C SER D 292 -25.64 -20.66 -18.85
N GLY D 293 -24.78 -20.19 -17.98
CA GLY D 293 -24.71 -20.75 -16.66
C GLY D 293 -23.74 -21.89 -16.57
N ARG D 294 -22.95 -22.11 -17.62
CA ARG D 294 -21.92 -23.13 -17.57
C ARG D 294 -20.73 -22.64 -16.77
N LEU D 295 -20.43 -21.35 -16.87
CA LEU D 295 -19.30 -20.78 -16.14
C LEU D 295 -19.81 -20.05 -14.91
N LEU D 296 -19.13 -20.27 -13.81
CA LEU D 296 -19.42 -19.62 -12.54
C LEU D 296 -18.20 -18.82 -12.12
N LEU D 297 -18.35 -17.52 -12.02
CA LEU D 297 -17.23 -16.68 -11.65
C LEU D 297 -17.21 -16.54 -10.15
N ALA D 298 -16.02 -16.63 -9.56
CA ALA D 298 -15.94 -16.49 -8.11
C ALA D 298 -14.73 -15.66 -7.75
N GLY D 299 -14.97 -14.54 -7.05
CA GLY D 299 -13.90 -13.73 -6.51
C GLY D 299 -13.59 -14.17 -5.08
N TYR D 300 -12.30 -14.26 -4.78
CA TYR D 300 -11.83 -14.77 -3.51
C TYR D 300 -10.91 -13.75 -2.86
N ASP D 301 -10.78 -13.88 -1.54
CA ASP D 301 -9.93 -12.97 -0.79
C ASP D 301 -8.46 -13.07 -1.20
N ASP D 302 -8.05 -14.19 -1.80
CA ASP D 302 -6.66 -14.35 -2.18
C ASP D 302 -6.25 -13.40 -3.29
N PHE D 303 -7.20 -12.68 -3.88
CA PHE D 303 -7.11 -11.69 -4.95
C PHE D 303 -7.03 -12.36 -6.31
N ASN D 304 -7.27 -13.66 -6.36
CA ASN D 304 -7.33 -14.42 -7.60
C ASN D 304 -8.75 -14.93 -7.76
N CYS D 305 -9.37 -14.64 -8.89
CA CYS D 305 -10.75 -14.99 -9.10
C CYS D 305 -10.86 -16.29 -9.88
N ASN D 306 -11.33 -17.36 -9.25
CA ASN D 306 -11.40 -18.61 -9.97
C ASN D 306 -12.68 -18.69 -10.79
N VAL D 307 -12.51 -19.08 -12.03
CA VAL D 307 -13.58 -19.30 -12.98
C VAL D 307 -13.81 -20.79 -13.01
N TRP D 308 -14.94 -21.21 -12.45
CA TRP D 308 -15.32 -22.61 -12.39
C TRP D 308 -16.26 -22.95 -13.53
N ASP D 309 -16.43 -24.23 -13.74
CA ASP D 309 -17.36 -24.73 -14.73
C ASP D 309 -18.58 -25.16 -13.95
N ALA D 310 -19.63 -24.34 -14.02
CA ALA D 310 -20.79 -24.56 -13.17
C ALA D 310 -21.39 -25.94 -13.36
N LEU D 311 -21.00 -26.66 -14.41
CA LEU D 311 -21.41 -28.04 -14.59
C LEU D 311 -20.28 -29.01 -14.28
N LYS D 312 -19.15 -28.92 -14.98
CA LYS D 312 -18.09 -29.90 -14.79
C LYS D 312 -17.41 -29.76 -13.43
N ALA D 313 -17.50 -28.59 -12.80
CA ALA D 313 -17.06 -28.30 -11.43
C ALA D 313 -15.55 -28.10 -11.29
N ASP D 314 -14.75 -28.25 -12.33
CA ASP D 314 -13.33 -27.96 -12.23
C ASP D 314 -13.13 -26.49 -12.60
N ARG D 315 -12.13 -25.86 -11.98
CA ARG D 315 -11.90 -24.47 -12.37
C ARG D 315 -11.42 -24.44 -13.81
N ALA D 316 -12.16 -23.72 -14.64
CA ALA D 316 -11.74 -23.59 -16.04
C ALA D 316 -10.58 -22.62 -16.15
N GLY D 317 -10.56 -21.61 -15.30
CA GLY D 317 -9.50 -20.64 -15.37
C GLY D 317 -9.43 -19.82 -14.10
N VAL D 318 -8.67 -18.73 -14.17
CA VAL D 318 -8.52 -17.83 -13.05
C VAL D 318 -8.38 -16.42 -13.61
N LEU D 319 -8.58 -15.45 -12.74
CA LEU D 319 -8.39 -14.04 -13.03
C LEU D 319 -7.31 -13.52 -12.12
N ALA D 320 -6.19 -13.14 -12.72
CA ALA D 320 -5.26 -12.28 -12.02
C ALA D 320 -5.91 -10.91 -11.90
N GLY D 321 -5.22 -9.96 -11.34
CA GLY D 321 -5.90 -8.73 -11.20
C GLY D 321 -5.48 -8.00 -9.94
N HIS D 322 -6.47 -7.37 -9.33
CA HIS D 322 -6.28 -6.51 -8.18
C HIS D 322 -5.36 -7.12 -7.14
N ASP D 323 -4.52 -6.27 -6.57
CA ASP D 323 -3.63 -6.66 -5.49
C ASP D 323 -4.28 -6.56 -4.12
N ASN D 324 -5.52 -6.10 -4.02
CA ASN D 324 -6.19 -6.18 -2.73
C ASN D 324 -7.52 -6.91 -2.89
N ARG D 325 -8.32 -7.01 -1.84
CA ARG D 325 -9.43 -7.94 -1.87
C ARG D 325 -10.44 -7.55 -2.94
N VAL D 326 -11.01 -8.58 -3.58
CA VAL D 326 -12.05 -8.37 -4.59
C VAL D 326 -13.36 -8.11 -3.85
N SER D 327 -13.93 -6.94 -4.05
CA SER D 327 -15.14 -6.63 -3.32
C SER D 327 -16.36 -7.15 -4.04
N CYS D 328 -16.46 -6.87 -5.34
CA CYS D 328 -17.69 -7.12 -6.05
C CYS D 328 -17.37 -7.64 -7.43
N LEU D 329 -18.37 -8.30 -8.01
CA LEU D 329 -18.21 -8.92 -9.31
C LEU D 329 -19.56 -8.89 -9.99
N GLY D 330 -19.58 -8.64 -11.29
CA GLY D 330 -20.85 -8.58 -12.01
C GLY D 330 -20.70 -8.92 -13.46
N VAL D 331 -21.78 -9.41 -14.06
CA VAL D 331 -21.80 -9.77 -15.47
C VAL D 331 -22.97 -9.07 -16.13
N THR D 332 -22.72 -8.53 -17.32
CA THR D 332 -23.75 -7.83 -18.07
C THR D 332 -25.00 -8.69 -18.21
N ASP D 333 -26.15 -8.03 -18.25
CA ASP D 333 -27.41 -8.75 -18.35
C ASP D 333 -27.44 -9.70 -19.53
N ASP D 334 -26.74 -9.35 -20.60
CA ASP D 334 -26.58 -10.21 -21.75
C ASP D 334 -25.33 -11.07 -21.65
N GLY D 335 -24.69 -11.10 -20.49
CA GLY D 335 -23.49 -11.89 -20.36
C GLY D 335 -22.39 -11.45 -21.28
N MET D 336 -22.40 -10.19 -21.72
CA MET D 336 -21.41 -9.75 -22.67
C MET D 336 -20.07 -9.44 -22.02
N ALA D 337 -20.04 -9.15 -20.72
CA ALA D 337 -18.81 -8.68 -20.11
C ALA D 337 -18.78 -9.01 -18.64
N VAL D 338 -17.57 -9.01 -18.08
CA VAL D 338 -17.41 -9.23 -16.65
C VAL D 338 -16.73 -8.00 -16.05
N ALA D 339 -17.11 -7.69 -14.82
CA ALA D 339 -16.62 -6.52 -14.13
C ALA D 339 -16.19 -6.93 -12.73
N THR D 340 -15.05 -6.40 -12.30
CA THR D 340 -14.44 -6.76 -11.03
C THR D 340 -14.09 -5.50 -10.27
N GLY D 341 -14.72 -5.31 -9.12
CA GLY D 341 -14.33 -4.28 -8.18
C GLY D 341 -13.57 -4.84 -6.99
N SER D 342 -12.61 -4.05 -6.52
CA SER D 342 -11.72 -4.43 -5.44
C SER D 342 -11.50 -3.27 -4.50
N TRP D 343 -10.64 -3.49 -3.53
CA TRP D 343 -10.22 -2.44 -2.62
C TRP D 343 -8.98 -1.71 -3.09
N ASP D 344 -8.53 -2.00 -4.29
CA ASP D 344 -7.38 -1.31 -4.86
C ASP D 344 -7.78 0.00 -5.53
N SER D 345 -9.06 0.37 -5.47
CA SER D 345 -9.61 1.58 -6.08
C SER D 345 -9.69 1.45 -7.59
N PHE D 346 -9.19 0.35 -8.15
CA PHE D 346 -9.21 0.08 -9.59
C PHE D 346 -10.28 -0.95 -9.93
N LEU D 347 -10.97 -0.72 -11.03
CA LEU D 347 -11.92 -1.68 -11.58
C LEU D 347 -11.28 -2.38 -12.76
N LYS D 348 -11.42 -3.70 -12.82
CA LYS D 348 -10.88 -4.49 -13.93
C LYS D 348 -12.02 -5.18 -14.66
N ILE D 349 -12.11 -4.91 -15.96
CA ILE D 349 -13.14 -5.47 -16.83
C ILE D 349 -12.55 -6.57 -17.69
N TRP D 350 -13.18 -7.73 -17.68
CA TRP D 350 -12.64 -8.93 -18.28
C TRP D 350 -13.64 -9.59 -19.22
N ASN D 351 -13.08 -10.32 -20.17
CA ASN D 351 -13.81 -11.27 -21.00
C ASN D 351 -12.89 -12.36 -21.57
N ASN E 5 -38.47 -18.03 30.33
CA ASN E 5 -39.32 -18.85 29.47
C ASN E 5 -40.43 -18.03 28.82
N THR E 6 -40.75 -16.88 29.41
CA THR E 6 -41.81 -16.06 28.84
C THR E 6 -41.43 -15.43 27.50
N ALA E 7 -40.16 -15.05 27.33
CA ALA E 7 -39.76 -14.38 26.10
C ALA E 7 -39.55 -15.32 24.92
N SER E 8 -39.31 -16.60 25.16
CA SER E 8 -39.01 -17.52 24.07
C SER E 8 -40.25 -17.98 23.33
N ILE E 9 -41.42 -17.91 23.97
CA ILE E 9 -42.62 -18.55 23.43
C ILE E 9 -43.03 -17.97 22.07
N ALA E 10 -42.72 -16.70 21.82
CA ALA E 10 -43.06 -16.11 20.52
C ALA E 10 -42.22 -16.70 19.40
N GLN E 11 -40.92 -16.86 19.65
CA GLN E 11 -40.06 -17.50 18.67
C GLN E 11 -40.41 -18.97 18.51
N ALA E 12 -40.79 -19.61 19.61
CA ALA E 12 -41.19 -21.01 19.51
C ALA E 12 -42.40 -21.16 18.60
N ARG E 13 -43.44 -20.37 18.84
CA ARG E 13 -44.64 -20.45 18.03
C ARG E 13 -44.36 -20.11 16.58
N LYS E 14 -43.81 -18.91 16.35
CA LYS E 14 -43.62 -18.45 14.98
C LYS E 14 -42.70 -19.36 14.18
N LEU E 15 -41.63 -19.87 14.80
CA LEU E 15 -40.73 -20.78 14.10
C LEU E 15 -41.41 -22.11 13.81
N VAL E 16 -42.24 -22.60 14.74
CA VAL E 16 -42.98 -23.81 14.44
C VAL E 16 -43.93 -23.56 13.27
N GLU E 17 -44.48 -22.35 13.16
CA GLU E 17 -45.29 -22.02 11.99
C GLU E 17 -44.44 -21.98 10.74
N GLN E 18 -43.18 -21.57 10.89
CA GLN E 18 -42.26 -21.61 9.77
C GLN E 18 -42.11 -23.03 9.27
N LEU E 19 -41.83 -23.96 10.19
CA LEU E 19 -41.74 -25.37 9.80
C LEU E 19 -43.04 -25.86 9.19
N LYS E 20 -44.17 -25.35 9.67
CA LYS E 20 -45.46 -25.82 9.17
C LYS E 20 -45.64 -25.45 7.70
N MET E 21 -45.31 -24.22 7.33
CA MET E 21 -45.54 -23.79 5.95
C MET E 21 -44.42 -24.24 5.02
N GLU E 22 -43.17 -24.26 5.49
CA GLU E 22 -42.03 -24.65 4.66
C GLU E 22 -41.79 -26.16 4.65
N ALA E 23 -42.60 -26.93 5.37
CA ALA E 23 -42.36 -28.37 5.41
C ALA E 23 -42.90 -29.10 4.18
N ASN E 24 -44.05 -28.68 3.67
CA ASN E 24 -44.71 -29.34 2.55
C ASN E 24 -44.62 -28.47 1.30
N ILE E 25 -43.80 -28.88 0.33
CA ILE E 25 -43.57 -28.13 -0.91
C ILE E 25 -43.24 -29.13 -2.02
N ASP E 26 -43.30 -28.66 -3.27
CA ASP E 26 -43.14 -29.51 -4.45
C ASP E 26 -41.67 -29.68 -4.81
N ARG E 27 -41.20 -30.92 -4.76
CA ARG E 27 -39.84 -31.26 -5.07
C ARG E 27 -39.82 -32.03 -6.39
N ILE E 28 -38.85 -31.72 -7.23
CA ILE E 28 -38.76 -32.33 -8.55
C ILE E 28 -37.63 -33.35 -8.54
N LYS E 29 -37.77 -34.38 -9.37
CA LYS E 29 -36.71 -35.36 -9.52
C LYS E 29 -35.45 -34.65 -10.02
N VAL E 30 -34.35 -34.84 -9.30
CA VAL E 30 -33.13 -34.06 -9.53
C VAL E 30 -32.62 -34.21 -10.96
N SER E 31 -32.61 -35.45 -11.47
CA SER E 31 -32.05 -35.70 -12.80
C SER E 31 -32.66 -34.77 -13.83
N LYS E 32 -33.95 -34.48 -13.68
CA LYS E 32 -34.63 -33.58 -14.61
C LYS E 32 -34.08 -32.17 -14.49
N ALA E 33 -33.90 -31.70 -13.25
CA ALA E 33 -33.35 -30.37 -13.02
C ALA E 33 -31.96 -30.23 -13.63
N ALA E 34 -31.07 -31.15 -13.29
CA ALA E 34 -29.70 -31.04 -13.77
C ALA E 34 -29.65 -31.14 -15.29
N ALA E 35 -30.44 -32.07 -15.85
CA ALA E 35 -30.55 -32.14 -17.30
C ALA E 35 -31.01 -30.80 -17.86
N ASP E 36 -31.86 -30.09 -17.12
CA ASP E 36 -32.29 -28.77 -17.55
C ASP E 36 -31.12 -27.80 -17.54
N LEU E 37 -30.26 -27.89 -16.51
CA LEU E 37 -29.06 -27.05 -16.50
C LEU E 37 -28.21 -27.28 -17.74
N MET E 38 -27.86 -28.54 -18.00
CA MET E 38 -27.06 -28.86 -19.18
C MET E 38 -27.75 -28.39 -20.46
N ALA E 39 -29.07 -28.57 -20.55
CA ALA E 39 -29.79 -28.19 -21.76
C ALA E 39 -29.76 -26.68 -21.98
N TYR E 40 -30.09 -25.93 -20.92
CA TYR E 40 -30.03 -24.47 -20.98
C TYR E 40 -28.65 -24.04 -21.46
N CYS E 41 -27.62 -24.73 -20.96
CA CYS E 41 -26.28 -24.52 -21.46
C CYS E 41 -26.20 -24.82 -22.96
N GLU E 42 -26.85 -25.90 -23.40
CA GLU E 42 -26.86 -26.20 -24.84
C GLU E 42 -27.54 -25.12 -25.65
N ALA E 43 -28.39 -24.30 -25.03
CA ALA E 43 -28.98 -23.19 -25.76
C ALA E 43 -28.03 -22.01 -25.83
N HIS E 44 -27.61 -21.50 -24.67
CA HIS E 44 -26.83 -20.28 -24.64
C HIS E 44 -25.36 -20.50 -24.91
N ALA E 45 -24.95 -21.75 -25.17
CA ALA E 45 -23.52 -22.07 -25.22
C ALA E 45 -22.79 -21.26 -26.28
N LYS E 46 -23.45 -20.94 -27.39
CA LYS E 46 -22.83 -20.10 -28.38
C LYS E 46 -22.98 -18.62 -28.06
N GLU E 47 -23.92 -18.28 -27.18
CA GLU E 47 -24.13 -16.90 -26.78
C GLU E 47 -23.25 -16.51 -25.62
N ASP E 48 -22.21 -17.29 -25.35
CA ASP E 48 -21.43 -17.14 -24.14
C ASP E 48 -20.05 -16.59 -24.49
N PRO E 49 -19.86 -15.28 -24.39
CA PRO E 49 -18.60 -14.66 -24.85
C PRO E 49 -17.38 -15.35 -24.27
N LEU E 50 -17.43 -15.68 -22.98
CA LEU E 50 -16.30 -16.34 -22.36
C LEU E 50 -16.11 -17.73 -22.93
N LEU E 51 -17.21 -18.40 -23.29
CA LEU E 51 -17.12 -19.74 -23.85
C LEU E 51 -16.85 -19.70 -25.33
N THR E 52 -17.51 -18.81 -26.05
CA THR E 52 -17.40 -18.80 -27.49
C THR E 52 -16.46 -17.66 -27.88
N PRO E 53 -15.33 -17.95 -28.51
CA PRO E 53 -14.38 -16.89 -28.86
C PRO E 53 -15.10 -15.80 -29.64
N VAL E 54 -14.96 -14.57 -29.14
CA VAL E 54 -15.74 -13.46 -29.67
C VAL E 54 -15.04 -12.88 -30.90
N PRO E 55 -15.74 -12.73 -32.02
CA PRO E 55 -15.17 -12.04 -33.17
C PRO E 55 -14.95 -10.57 -32.87
N ALA E 56 -13.74 -10.10 -33.17
CA ALA E 56 -13.34 -8.73 -32.80
C ALA E 56 -14.31 -7.68 -33.30
N SER E 57 -15.02 -7.94 -34.40
CA SER E 57 -16.10 -7.05 -34.78
C SER E 57 -17.20 -7.05 -33.73
N GLU E 58 -17.52 -8.23 -33.22
CA GLU E 58 -18.61 -8.36 -32.26
C GLU E 58 -18.10 -8.21 -30.84
N ASN E 59 -16.79 -8.09 -30.68
CA ASN E 59 -16.19 -7.80 -29.39
C ASN E 59 -16.35 -6.32 -29.10
N PRO E 60 -16.96 -5.93 -27.99
CA PRO E 60 -17.16 -4.50 -27.74
C PRO E 60 -15.86 -3.77 -27.49
N PHE E 61 -14.82 -4.48 -27.09
CA PHE E 61 -13.58 -3.86 -26.64
C PHE E 61 -12.47 -3.91 -27.68
N ARG E 62 -12.73 -4.49 -28.86
CA ARG E 62 -11.68 -4.66 -29.85
C ARG E 62 -11.99 -3.89 -31.14
N GLN F 1 -28.22 -28.32 7.30
CA GLN F 1 -28.47 -27.40 8.39
C GLN F 1 -27.11 -27.15 9.04
N VAL F 2 -27.08 -26.51 10.21
CA VAL F 2 -25.86 -26.33 10.98
C VAL F 2 -26.23 -26.55 12.44
N GLN F 3 -25.62 -27.53 13.09
CA GLN F 3 -26.07 -27.83 14.44
C GLN F 3 -24.95 -28.31 15.35
N LEU F 4 -25.13 -27.97 16.62
CA LEU F 4 -24.27 -28.31 17.74
C LEU F 4 -25.15 -28.83 18.86
N GLN F 5 -24.90 -30.05 19.30
CA GLN F 5 -25.74 -30.72 20.28
C GLN F 5 -25.03 -30.70 21.64
N GLU F 6 -25.55 -29.90 22.56
CA GLU F 6 -25.01 -29.82 23.90
C GLU F 6 -25.47 -31.00 24.75
N SER F 7 -24.53 -31.64 25.43
CA SER F 7 -24.84 -32.66 26.43
C SER F 7 -24.42 -32.15 27.81
N GLY F 8 -24.62 -33.00 28.81
CA GLY F 8 -24.30 -32.62 30.17
C GLY F 8 -25.25 -31.57 30.74
N GLY F 9 -24.74 -30.86 31.74
CA GLY F 9 -25.52 -29.90 32.49
C GLY F 9 -26.46 -30.56 33.47
N GLY F 10 -26.88 -29.78 34.47
CA GLY F 10 -27.81 -30.21 35.48
C GLY F 10 -27.44 -29.60 36.80
N LEU F 11 -28.00 -30.14 37.87
CA LEU F 11 -27.65 -29.71 39.22
C LEU F 11 -26.43 -30.50 39.69
N VAL F 12 -25.41 -29.77 40.15
CA VAL F 12 -24.20 -30.38 40.69
C VAL F 12 -23.82 -29.63 41.95
N GLN F 13 -23.47 -30.38 42.97
CA GLN F 13 -22.97 -29.71 44.16
C GLN F 13 -21.54 -29.24 43.88
N PRO F 14 -21.17 -28.05 44.31
CA PRO F 14 -19.85 -27.50 43.96
C PRO F 14 -18.69 -28.43 44.28
N GLY F 15 -17.65 -28.36 43.45
CA GLY F 15 -16.44 -29.13 43.63
C GLY F 15 -16.26 -30.30 42.69
N GLY F 16 -17.30 -30.72 41.99
CA GLY F 16 -17.21 -31.88 41.13
C GLY F 16 -16.34 -31.69 39.90
N SER F 17 -16.48 -32.60 38.95
CA SER F 17 -15.78 -32.54 37.69
C SER F 17 -16.71 -33.06 36.60
N LEU F 18 -16.66 -32.47 35.42
CA LEU F 18 -17.56 -32.95 34.37
C LEU F 18 -16.96 -32.79 32.99
N ARG F 19 -17.22 -33.76 32.12
CA ARG F 19 -16.77 -33.69 30.73
C ARG F 19 -17.98 -33.37 29.86
N LEU F 20 -18.08 -32.12 29.44
CA LEU F 20 -19.19 -31.65 28.62
C LEU F 20 -18.89 -31.89 27.16
N SER F 21 -19.91 -32.31 26.41
CA SER F 21 -19.76 -32.57 25.00
C SER F 21 -20.69 -31.69 24.16
N CYS F 22 -20.21 -31.41 22.95
CA CYS F 22 -20.92 -30.61 21.96
C CYS F 22 -20.75 -31.32 20.62
N ALA F 23 -21.86 -31.71 20.02
CA ALA F 23 -21.83 -32.42 18.76
C ALA F 23 -21.85 -31.43 17.61
N ALA F 24 -20.91 -31.58 16.68
CA ALA F 24 -20.80 -30.68 15.55
C ALA F 24 -21.27 -31.37 14.29
N SER F 25 -21.94 -30.61 13.42
CA SER F 25 -22.31 -31.15 12.13
C SER F 25 -22.93 -30.02 11.32
N GLY F 26 -22.95 -30.22 10.01
CA GLY F 26 -23.30 -29.17 9.09
C GLY F 26 -22.13 -28.31 8.73
N PHE F 27 -20.91 -28.75 9.02
CA PHE F 27 -19.67 -28.02 8.81
C PHE F 27 -18.52 -28.90 9.30
N THR F 28 -17.32 -28.61 8.83
CA THR F 28 -16.15 -29.35 9.27
C THR F 28 -15.65 -28.75 10.58
N PHE F 29 -15.75 -29.53 11.66
CA PHE F 29 -15.36 -29.07 12.98
C PHE F 29 -13.86 -28.84 13.10
N SER F 30 -13.08 -29.44 12.22
CA SER F 30 -11.63 -29.29 12.25
C SER F 30 -11.18 -27.87 11.96
N ASN F 31 -11.93 -27.13 11.15
CA ASN F 31 -11.45 -25.87 10.63
C ASN F 31 -11.86 -24.65 11.44
N TYR F 32 -12.68 -24.83 12.47
CA TYR F 32 -13.33 -23.73 13.14
C TYR F 32 -12.75 -23.56 14.53
N LYS F 33 -12.41 -22.33 14.90
CA LYS F 33 -12.02 -22.08 16.27
C LYS F 33 -13.23 -22.25 17.17
N MET F 34 -13.07 -22.99 18.25
CA MET F 34 -14.22 -23.36 19.07
C MET F 34 -14.20 -22.59 20.37
N ASN F 35 -15.38 -22.36 20.93
CA ASN F 35 -15.39 -21.82 22.27
C ASN F 35 -16.70 -22.15 22.97
N TRP F 36 -16.62 -22.13 24.29
CA TRP F 36 -17.77 -22.30 25.15
C TRP F 36 -18.06 -20.89 25.67
N VAL F 37 -19.29 -20.46 25.49
CA VAL F 37 -19.72 -19.14 25.91
C VAL F 37 -20.97 -19.31 26.75
N ARG F 38 -21.00 -18.64 27.87
CA ARG F 38 -22.15 -18.74 28.75
C ARG F 38 -22.92 -17.43 28.76
N GLN F 39 -24.19 -17.57 29.08
CA GLN F 39 -25.08 -16.46 29.33
C GLN F 39 -25.66 -16.75 30.71
N ALA F 40 -25.25 -15.94 31.68
CA ALA F 40 -25.65 -16.20 33.05
C ALA F 40 -27.13 -15.90 33.23
N PRO F 41 -27.75 -16.47 34.27
CA PRO F 41 -29.14 -16.13 34.55
C PRO F 41 -29.29 -14.63 34.70
N GLY F 42 -30.20 -14.07 33.91
CA GLY F 42 -30.37 -12.64 33.89
C GLY F 42 -29.07 -11.89 33.68
N LYS F 43 -28.23 -12.38 32.77
CA LYS F 43 -27.01 -11.64 32.48
C LYS F 43 -26.63 -11.82 31.01
N GLY F 44 -26.04 -10.77 30.46
CA GLY F 44 -25.60 -10.79 29.07
C GLY F 44 -24.54 -11.85 28.80
N LEU F 45 -24.34 -12.10 27.50
CA LEU F 45 -23.32 -13.05 27.08
C LEU F 45 -21.94 -12.62 27.57
N GLU F 46 -21.11 -13.61 27.84
CA GLU F 46 -19.71 -13.39 28.17
C GLU F 46 -18.91 -14.54 27.60
N TRP F 47 -17.81 -14.24 26.93
CA TRP F 47 -16.94 -15.30 26.45
C TRP F 47 -16.40 -16.08 27.62
N VAL F 48 -16.26 -17.39 27.45
CA VAL F 48 -15.70 -18.15 28.56
C VAL F 48 -14.37 -18.74 28.14
N SER F 49 -14.37 -19.66 27.19
CA SER F 49 -13.08 -20.25 26.84
C SER F 49 -13.03 -20.64 25.38
N ASP F 50 -11.90 -20.36 24.74
CA ASP F 50 -11.74 -20.71 23.33
C ASP F 50 -10.50 -21.57 23.11
N ILE F 51 -10.55 -22.33 22.02
CA ILE F 51 -9.52 -23.31 21.66
C ILE F 51 -9.32 -23.29 20.15
N SER F 52 -8.05 -23.33 19.76
CA SER F 52 -7.65 -23.36 18.36
C SER F 52 -7.94 -24.73 17.75
N GLN F 53 -7.91 -24.76 16.41
CA GLN F 53 -8.10 -26.01 15.69
C GLN F 53 -7.16 -27.08 16.21
N SER F 54 -5.87 -26.75 16.31
CA SER F 54 -4.88 -27.70 16.78
C SER F 54 -5.07 -28.04 18.25
N GLY F 55 -5.84 -27.23 18.97
CA GLY F 55 -5.93 -27.39 20.40
C GLY F 55 -4.76 -26.78 21.13
N ALA F 56 -3.96 -25.98 20.46
CA ALA F 56 -2.79 -25.36 21.06
C ALA F 56 -3.21 -24.02 21.65
N SER F 57 -3.58 -23.07 20.79
CA SER F 57 -3.99 -21.76 21.27
C SER F 57 -5.29 -21.90 22.06
N ILE F 58 -5.21 -21.59 23.35
CA ILE F 58 -6.31 -21.80 24.29
C ILE F 58 -6.34 -20.64 25.28
N SER F 59 -7.47 -19.97 25.38
CA SER F 59 -7.62 -18.93 26.38
C SER F 59 -8.87 -19.18 27.22
N TYR F 60 -8.81 -18.71 28.46
CA TYR F 60 -9.90 -18.80 29.40
C TYR F 60 -10.21 -17.42 29.96
N THR F 61 -11.44 -17.27 30.45
CA THR F 61 -11.76 -16.12 31.27
C THR F 61 -10.95 -16.21 32.55
N GLY F 62 -10.66 -15.05 33.14
CA GLY F 62 -9.75 -15.00 34.27
C GLY F 62 -10.00 -16.05 35.34
N SER F 63 -11.28 -16.27 35.67
CA SER F 63 -11.59 -17.22 36.73
C SER F 63 -11.32 -18.64 36.27
N VAL F 64 -11.87 -19.01 35.13
CA VAL F 64 -11.80 -20.37 34.62
C VAL F 64 -10.42 -20.73 34.10
N LYS F 65 -9.51 -19.77 34.11
CA LYS F 65 -8.15 -20.02 33.65
C LYS F 65 -7.52 -21.17 34.42
N GLY F 66 -7.20 -22.24 33.70
CA GLY F 66 -6.48 -23.35 34.28
C GLY F 66 -7.30 -24.23 35.19
N ARG F 67 -8.40 -23.68 35.72
CA ARG F 67 -9.27 -24.42 36.62
C ARG F 67 -10.41 -25.10 35.90
N PHE F 68 -10.59 -24.78 34.62
CA PHE F 68 -11.61 -25.37 33.77
C PHE F 68 -10.89 -25.89 32.54
N THR F 69 -11.40 -26.96 31.95
CA THR F 69 -10.70 -27.58 30.84
C THR F 69 -11.56 -27.63 29.59
N ILE F 70 -11.17 -26.86 28.58
CA ILE F 70 -11.81 -26.96 27.26
C ILE F 70 -10.98 -27.91 26.42
N SER F 71 -11.61 -28.96 25.91
CA SER F 71 -10.87 -29.94 25.14
C SER F 71 -11.68 -30.33 23.92
N ARG F 72 -11.05 -30.36 22.75
CA ARG F 72 -11.74 -30.69 21.51
C ARG F 72 -11.27 -32.02 20.95
N ASP F 73 -12.22 -32.82 20.51
CA ASP F 73 -11.99 -34.06 19.76
C ASP F 73 -12.36 -33.77 18.32
N ASN F 74 -11.36 -33.55 17.47
CA ASN F 74 -11.65 -33.25 16.08
C ASN F 74 -12.09 -34.50 15.34
N ALA F 75 -11.37 -35.60 15.51
CA ALA F 75 -11.72 -36.83 14.81
C ALA F 75 -13.15 -37.24 15.10
N LYS F 76 -13.65 -36.95 16.29
CA LYS F 76 -15.04 -37.18 16.63
C LYS F 76 -15.86 -35.91 16.52
N ASN F 77 -15.22 -34.79 16.22
CA ASN F 77 -15.89 -33.53 15.95
C ASN F 77 -16.83 -33.13 17.08
N THR F 78 -16.33 -33.24 18.30
CA THR F 78 -17.10 -32.94 19.49
C THR F 78 -16.25 -32.09 20.44
N LEU F 79 -16.93 -31.25 21.24
CA LEU F 79 -16.28 -30.31 22.13
C LEU F 79 -16.55 -30.67 23.59
N TYR F 80 -15.67 -30.25 24.47
CA TYR F 80 -15.71 -30.72 25.85
C TYR F 80 -15.38 -29.60 26.81
N LEU F 81 -16.10 -29.57 27.92
CA LEU F 81 -15.75 -28.71 29.04
C LEU F 81 -15.76 -29.53 30.32
N GLN F 82 -14.57 -29.74 30.86
CA GLN F 82 -14.36 -30.49 32.08
C GLN F 82 -14.31 -29.51 33.24
N MET F 83 -15.25 -29.62 34.16
CA MET F 83 -15.40 -28.66 35.23
C MET F 83 -14.76 -29.19 36.50
N ASN F 84 -13.88 -28.35 37.07
CA ASN F 84 -13.32 -28.45 38.40
C ASN F 84 -13.60 -27.11 39.08
N SER F 85 -13.44 -27.08 40.40
CA SER F 85 -13.61 -25.84 41.18
C SER F 85 -14.96 -25.19 40.89
N LEU F 86 -16.00 -26.01 40.84
CA LEU F 86 -17.33 -25.54 40.52
C LEU F 86 -17.83 -24.58 41.59
N LYS F 87 -18.39 -23.45 41.16
CA LYS F 87 -18.98 -22.53 42.12
C LYS F 87 -20.42 -22.24 41.74
N PRO F 88 -21.25 -21.91 42.73
CA PRO F 88 -22.59 -21.38 42.42
C PRO F 88 -22.54 -20.05 41.68
N GLU F 89 -21.40 -19.37 41.63
CA GLU F 89 -21.32 -18.18 40.81
C GLU F 89 -21.02 -18.50 39.35
N ASP F 90 -20.61 -19.73 39.05
CA ASP F 90 -20.42 -20.18 37.68
C ASP F 90 -21.68 -20.80 37.06
N THR F 91 -22.71 -21.04 37.86
CA THR F 91 -23.94 -21.58 37.30
C THR F 91 -24.52 -20.62 36.28
N ALA F 92 -24.92 -21.16 35.13
CA ALA F 92 -25.37 -20.34 34.02
C ALA F 92 -25.86 -21.21 32.88
N VAL F 93 -26.33 -20.56 31.82
CA VAL F 93 -26.75 -21.26 30.62
C VAL F 93 -25.53 -21.33 29.72
N TYR F 94 -25.05 -22.54 29.45
CA TYR F 94 -23.82 -22.71 28.69
C TYR F 94 -24.17 -23.13 27.27
N TYR F 95 -23.75 -22.31 26.31
CA TYR F 95 -23.79 -22.67 24.90
C TYR F 95 -22.39 -22.99 24.40
N CYS F 96 -22.32 -23.94 23.48
CA CYS F 96 -21.08 -24.24 22.78
C CYS F 96 -21.21 -23.64 21.39
N ALA F 97 -20.37 -22.67 21.09
CA ALA F 97 -20.45 -21.96 19.83
C ALA F 97 -19.12 -22.05 19.10
N ARG F 98 -19.19 -21.98 17.79
CA ARG F 98 -18.00 -22.00 16.98
C ARG F 98 -17.76 -20.59 16.44
N CYS F 99 -16.50 -20.25 16.25
CA CYS F 99 -16.20 -18.98 15.63
C CYS F 99 -16.75 -18.99 14.20
N PRO F 100 -17.23 -17.86 13.73
CA PRO F 100 -17.82 -17.84 12.40
C PRO F 100 -16.80 -18.09 11.31
N ALA F 101 -15.69 -17.39 11.41
CA ALA F 101 -15.02 -17.54 10.13
C ALA F 101 -14.07 -18.73 10.16
N PRO F 102 -13.96 -19.45 9.05
CA PRO F 102 -13.01 -20.55 8.98
C PRO F 102 -11.59 -20.05 8.83
N PHE F 103 -10.66 -20.78 9.45
CA PHE F 103 -9.23 -20.52 9.33
C PHE F 103 -8.91 -19.06 9.64
N THR F 104 -9.06 -18.72 10.92
CA THR F 104 -8.88 -17.35 11.35
C THR F 104 -8.39 -17.32 12.78
N ARG F 105 -8.12 -16.12 13.27
CA ARG F 105 -7.77 -15.90 14.65
C ARG F 105 -8.90 -15.25 15.42
N ASP F 106 -9.48 -14.18 14.88
CA ASP F 106 -10.54 -13.48 15.57
C ASP F 106 -11.81 -14.32 15.60
N CYS F 107 -12.79 -13.82 16.34
CA CYS F 107 -14.10 -14.42 16.43
C CYS F 107 -15.07 -13.29 16.73
N PHE F 108 -16.30 -13.43 16.25
CA PHE F 108 -17.31 -12.40 16.52
C PHE F 108 -18.52 -13.01 17.21
N ASP F 109 -18.29 -14.09 17.94
CA ASP F 109 -19.33 -14.69 18.77
C ASP F 109 -19.56 -13.84 20.00
N VAL F 110 -20.27 -14.41 20.97
CA VAL F 110 -20.60 -13.75 22.24
C VAL F 110 -21.40 -12.52 21.85
N THR F 111 -21.92 -12.53 20.63
CA THR F 111 -22.75 -11.43 20.18
C THR F 111 -24.10 -11.59 20.85
N SER F 112 -24.60 -10.50 21.42
CA SER F 112 -25.83 -10.56 22.17
C SER F 112 -27.01 -10.94 21.27
N THR F 113 -27.98 -11.61 21.86
CA THR F 113 -29.18 -12.04 21.14
C THR F 113 -28.75 -12.93 19.99
N THR F 114 -29.03 -12.57 18.75
CA THR F 114 -28.75 -13.42 17.60
C THR F 114 -27.25 -13.70 17.43
N TYR F 115 -26.98 -14.96 17.14
CA TYR F 115 -25.66 -15.45 16.76
C TYR F 115 -25.85 -16.74 15.98
N ALA F 116 -25.20 -16.85 14.83
CA ALA F 116 -25.48 -17.94 13.90
C ALA F 116 -25.25 -19.30 14.52
N TYR F 117 -24.02 -19.59 14.90
CA TYR F 117 -23.60 -20.96 15.15
C TYR F 117 -23.66 -21.22 16.63
N ARG F 118 -24.73 -21.84 17.08
CA ARG F 118 -24.88 -22.12 18.49
C ARG F 118 -25.96 -23.18 18.66
N GLY F 119 -25.72 -24.12 19.57
CA GLY F 119 -26.69 -25.14 19.88
C GLY F 119 -27.82 -24.60 20.74
N GLN F 120 -28.69 -25.53 21.14
CA GLN F 120 -29.74 -25.17 22.09
C GLN F 120 -29.18 -24.88 23.46
N GLY F 121 -28.05 -25.50 23.80
CA GLY F 121 -27.37 -25.22 25.05
C GLY F 121 -27.86 -26.06 26.20
N THR F 122 -27.12 -25.97 27.31
CA THR F 122 -27.52 -26.66 28.51
C THR F 122 -27.60 -25.67 29.65
N GLN F 123 -28.30 -26.08 30.70
CA GLN F 123 -28.32 -25.40 31.98
C GLN F 123 -27.32 -26.09 32.89
N VAL F 124 -26.32 -25.36 33.36
CA VAL F 124 -25.41 -25.89 34.37
C VAL F 124 -25.68 -25.15 35.67
N THR F 125 -26.04 -25.91 36.70
CA THR F 125 -26.45 -25.37 37.98
C THR F 125 -25.52 -25.93 39.05
N VAL F 126 -25.03 -25.05 39.91
CA VAL F 126 -24.20 -25.45 41.03
C VAL F 126 -24.97 -25.12 42.31
N SER F 127 -25.44 -26.16 43.00
CA SER F 127 -26.22 -25.96 44.22
C SER F 127 -25.37 -25.27 45.29
N SER F 128 -26.05 -24.74 46.30
CA SER F 128 -25.37 -24.06 47.41
C SER F 128 -25.21 -24.98 48.61
#